data_7ZK8
#
_entry.id   7ZK8
#
_cell.length_a   1.00
_cell.length_b   1.00
_cell.length_c   1.00
_cell.angle_alpha   90.00
_cell.angle_beta   90.00
_cell.angle_gamma   90.00
#
_symmetry.space_group_name_H-M   'P 1'
#
loop_
_entity.id
_entity.type
_entity.pdbx_description
1 polymer 'ATP-dependent translocase ABCB1'
2 non-polymer "ADENOSINE-5'-TRIPHOSPHATE"
3 non-polymer 'MAGNESIUM ION'
4 non-polymer (4~{S},11~{S},18~{S})-4,11-dimethyl-18-(sulfanylmethyl)-6,13,20-trithia-3,10,17,22,23,24-hexazatetracyclo[17.2.1.1^{5,8}.1^{12,15}]tetracosa-1(21),5(24),7,12(23),14,19(22)-hexaene-2,9,16-trione
5 non-polymer 'CHOLESTEROL HEMISUCCINATE'
6 water water
#
_entity_poly.entity_id   1
_entity_poly.type   'polypeptide(L)'
_entity_poly.pdbx_seq_one_letter_code
;MELEEDLKGRADKNFSKMGKKSKKEKKEKKPAVSVLTMFRYAGWLDRLYMLVGTLAAIIHGVALPLMMLIFGDMTDSFAS
VGQVSKQSTQMSEADKRAMFAKLEEEMTTYAYYYTGIGAGVLIVAYIQVSFWALAAGRQIHKIRQKFFHAIMNQEIGWFD
VHDVGELNTRLTDDVSKINEGIGDKIGMFFQAMATFFGGFIIGFTRGWKLTLVILAISPVLGLSAGIWAKILSSFTDKEL
HAYAKAGAVAEEVLAAIRTVIAFGGQKKELERYNNNLEEAKRLGIKKAITANISMGAAFLLIYASYALAFWYGTSLVISK
EYSIGQVLTVFFSVLIGAFSVGQASPNIEAFANARGAAYEVFKIIDNKPSIDSFSKSGHKPDNIQGNLEFKNIHFSYPSR
KEVQILKGLNLKVKSGQTVALVGNSGGGKSTTVQLMQRLYDPLDGMVSIDGQDIRTINVRYLREIIGVVSQEPVLFATTI
AENIRYGREDVTMDEIEKAVKEANAYDFIMKLPHQFDTLVGERGAQLSGGQKQRIAIARALVRNPKILLLDEATSALDTE
SEAVVQAALDKAREGRTTIVIAHRLSTVRNADVIAGFDGGVIVEQGNHDELMREKGIYFKLVMTQTAGNEIELGNEACKS
KDEIDNLDMSSKDSGSSLIRRRSTRKSICGPHDQDRKLSTKEALDEDVPPASFWRILKLNSTEWPYFVVGIFAAIINGGL
QPAFSVIFSKVVGVFTNGGPPETQRQNSNLFSLLFLILGIISFITFFLQGFTFGKAGEILTKRLRYMVFKSMLRQDVSWF
DDPKNTTGALTTRLANDAAQVKGATGSRLAVIFQNIANLGTGIIISLIYGWQLTLLLLAIVPIIAIAGVVEMKMLSGQAL
KDKKELEGSGKIATEAIENFRTVVSLTREQKFETMYAQSLQIPYRNAMKKAHVFGITFSFTQAMMYFSYAAAFRFGAYLV
TQQLMTFENVCLVFSAIVFGAMAVGQVSSFAPDYAKATVSASHIIRIIEKTPEIDSYSTQGLKPNMLEGNVQFSGVVFNY
PTRPSIPVLQGLSLEVKKGQTLALVGSSGGGKSTVVQLLERFYDPMAGSVFLDGKEIKQLNVQWLRAQLGIVSQEPILFD
RSIAENIAYGDNSRVVSYEEIVRAAKEANIHQFIDSLPDKYNTRVGDKGTQLSGGQKQRIAIARALVRQPHILLLDEATS
ALDTESEKVVQEALDKAREGRTVIVIAHRLSTIQNADLIVVIQNGKVKEHGTHQQLLAQKGIYFSMVSVQA
;
_entity_poly.pdbx_strand_id   A
#
# COMPACT_ATOMS: atom_id res chain seq x y z
N SER A 34 -5.34 -8.70 -22.18
CA SER A 34 -5.84 -8.41 -20.84
C SER A 34 -7.28 -7.91 -20.90
N VAL A 35 -7.99 -8.28 -21.96
CA VAL A 35 -9.38 -7.90 -22.16
C VAL A 35 -10.26 -8.95 -21.52
N LEU A 36 -11.17 -8.51 -20.65
CA LEU A 36 -12.23 -9.37 -20.10
C LEU A 36 -11.63 -10.50 -19.26
N THR A 37 -10.45 -10.26 -18.71
CA THR A 37 -9.76 -11.25 -17.87
C THR A 37 -9.86 -10.96 -16.39
N MET A 38 -10.61 -9.93 -16.00
CA MET A 38 -10.71 -9.58 -14.59
C MET A 38 -11.39 -10.67 -13.78
N PHE A 39 -12.21 -11.49 -14.45
CA PHE A 39 -12.97 -12.55 -13.80
C PHE A 39 -12.35 -13.93 -14.02
N ARG A 40 -11.02 -13.99 -14.08
CA ARG A 40 -10.34 -15.26 -14.31
C ARG A 40 -10.58 -16.25 -13.17
N TYR A 41 -10.71 -15.75 -11.94
CA TYR A 41 -10.79 -16.59 -10.75
C TYR A 41 -12.21 -16.72 -10.23
N ALA A 42 -13.19 -16.72 -11.13
CA ALA A 42 -14.58 -16.93 -10.76
C ALA A 42 -14.94 -18.39 -11.00
N GLY A 43 -15.23 -19.12 -9.93
CA GLY A 43 -15.64 -20.50 -10.02
C GLY A 43 -17.11 -20.62 -10.36
N TRP A 44 -17.61 -21.85 -10.25
CA TRP A 44 -19.01 -22.09 -10.59
C TRP A 44 -19.93 -21.30 -9.67
N LEU A 45 -19.61 -21.23 -8.37
CA LEU A 45 -20.45 -20.47 -7.46
C LEU A 45 -20.47 -19.00 -7.83
N ASP A 46 -19.32 -18.44 -8.18
CA ASP A 46 -19.27 -17.05 -8.61
C ASP A 46 -20.01 -16.85 -9.92
N ARG A 47 -19.96 -17.82 -10.83
CA ARG A 47 -20.67 -17.70 -12.10
C ARG A 47 -22.17 -17.70 -11.88
N LEU A 48 -22.70 -18.58 -11.03
CA LEU A 48 -24.12 -18.53 -10.71
C LEU A 48 -24.50 -17.26 -9.96
N TYR A 49 -23.63 -16.79 -9.04
CA TYR A 49 -23.89 -15.51 -8.40
C TYR A 49 -24.05 -14.40 -9.45
N MET A 50 -23.10 -14.30 -10.38
CA MET A 50 -23.17 -13.24 -11.38
C MET A 50 -24.38 -13.41 -12.30
N LEU A 51 -24.69 -14.65 -12.70
CA LEU A 51 -25.83 -14.87 -13.59
C LEU A 51 -27.16 -14.53 -12.91
N VAL A 52 -27.38 -15.04 -11.70
CA VAL A 52 -28.62 -14.74 -11.00
C VAL A 52 -28.70 -13.26 -10.66
N GLY A 53 -27.56 -12.65 -10.33
CA GLY A 53 -27.57 -11.21 -10.05
C GLY A 53 -27.92 -10.40 -11.28
N THR A 54 -27.41 -10.81 -12.45
CA THR A 54 -27.75 -10.12 -13.69
C THR A 54 -29.23 -10.27 -14.01
N LEU A 55 -29.78 -11.48 -13.83
CA LEU A 55 -31.21 -11.68 -14.04
C LEU A 55 -32.03 -10.83 -13.09
N ALA A 56 -31.65 -10.78 -11.82
CA ALA A 56 -32.36 -9.96 -10.84
C ALA A 56 -32.25 -8.48 -11.19
N ALA A 57 -31.09 -8.05 -11.67
CA ALA A 57 -30.93 -6.67 -12.09
C ALA A 57 -31.83 -6.34 -13.28
N ILE A 58 -31.93 -7.26 -14.25
CA ILE A 58 -32.81 -7.04 -15.39
C ILE A 58 -34.26 -6.95 -14.94
N ILE A 59 -34.67 -7.84 -14.03
CA ILE A 59 -36.04 -7.80 -13.51
C ILE A 59 -36.29 -6.49 -12.77
N HIS A 60 -35.36 -6.08 -11.92
CA HIS A 60 -35.51 -4.84 -11.17
C HIS A 60 -35.51 -3.62 -12.08
N GLY A 61 -34.83 -3.69 -13.21
CA GLY A 61 -34.81 -2.59 -14.15
C GLY A 61 -36.08 -2.49 -14.97
N VAL A 62 -36.60 -3.62 -15.44
CA VAL A 62 -37.79 -3.61 -16.28
C VAL A 62 -39.05 -3.32 -15.47
N ALA A 63 -38.93 -3.06 -14.18
CA ALA A 63 -40.08 -2.70 -13.36
C ALA A 63 -40.66 -1.36 -13.80
N LEU A 64 -39.80 -0.34 -13.92
CA LEU A 64 -40.21 1.00 -14.32
C LEU A 64 -40.84 1.02 -15.71
N PRO A 65 -40.28 0.33 -16.71
CA PRO A 65 -41.02 0.17 -17.97
C PRO A 65 -42.40 -0.47 -17.79
N LEU A 66 -42.56 -1.37 -16.83
CA LEU A 66 -43.87 -2.05 -16.72
C LEU A 66 -44.84 -1.26 -15.85
N MET A 67 -44.35 -0.38 -15.00
CA MET A 67 -45.28 0.46 -14.23
C MET A 67 -46.03 1.36 -15.23
N MET A 68 -45.33 1.90 -16.22
CA MET A 68 -45.96 2.72 -17.27
C MET A 68 -46.83 1.88 -18.19
N LEU A 69 -46.41 0.68 -18.59
CA LEU A 69 -47.13 -0.15 -19.59
C LEU A 69 -48.52 -0.49 -19.07
N ILE A 70 -48.66 -0.81 -17.80
CA ILE A 70 -50.03 -1.04 -17.26
C ILE A 70 -50.84 0.25 -17.36
N PHE A 71 -50.26 1.39 -16.98
CA PHE A 71 -50.98 2.68 -17.02
C PHE A 71 -50.89 3.21 -18.46
N GLY A 72 -50.60 2.30 -19.41
CA GLY A 72 -50.54 2.69 -20.82
C GLY A 72 -51.83 2.52 -21.57
N ASP A 73 -52.93 2.21 -20.89
CA ASP A 73 -54.25 2.16 -21.58
C ASP A 73 -54.44 3.53 -22.25
N MET A 74 -54.12 4.63 -21.57
CA MET A 74 -54.07 5.98 -22.18
C MET A 74 -55.35 6.39 -22.91
N THR A 75 -56.47 6.40 -22.21
CA THR A 75 -57.69 6.92 -22.86
C THR A 75 -58.61 7.36 -21.75
N ASP A 76 -58.17 7.13 -20.51
CA ASP A 76 -58.94 7.66 -19.36
C ASP A 76 -58.73 9.14 -19.53
N SER A 77 -57.49 9.51 -19.85
CA SER A 77 -57.13 10.92 -20.10
C SER A 77 -57.60 11.74 -18.90
N PHE A 78 -58.16 12.93 -19.14
CA PHE A 78 -58.70 13.65 -17.96
C PHE A 78 -60.20 13.86 -18.18
N ALA A 79 -61.02 13.37 -17.26
CA ALA A 79 -62.46 13.69 -17.39
C ALA A 79 -62.55 15.20 -17.24
N SER A 80 -61.78 15.78 -16.31
CA SER A 80 -61.76 17.24 -16.07
C SER A 80 -61.16 17.98 -17.27
N VAL A 81 -60.14 17.42 -17.91
CA VAL A 81 -59.60 18.04 -19.15
C VAL A 81 -60.73 17.92 -20.16
N GLY A 82 -61.43 16.79 -20.12
CA GLY A 82 -62.65 16.70 -20.95
C GLY A 82 -63.63 17.75 -20.48
N GLN A 83 -63.74 17.99 -19.17
CA GLN A 83 -64.69 18.96 -18.58
C GLN A 83 -64.40 20.37 -19.07
N VAL A 84 -63.15 20.76 -19.29
CA VAL A 84 -62.99 22.16 -19.76
C VAL A 84 -63.76 22.24 -21.08
N SER A 85 -63.58 21.26 -21.96
CA SER A 85 -64.38 21.20 -23.20
C SER A 85 -65.84 20.86 -22.87
N LYS A 86 -66.07 19.94 -21.93
CA LYS A 86 -67.44 19.47 -21.63
C LYS A 86 -67.88 19.92 -20.24
N GLN A 87 -67.67 21.19 -19.89
CA GLN A 87 -68.18 21.74 -18.60
C GLN A 87 -69.71 21.85 -18.67
N SER A 88 -70.25 22.22 -19.83
CA SER A 88 -71.73 22.26 -19.97
C SER A 88 -72.25 20.82 -19.77
N THR A 89 -71.58 19.83 -20.35
CA THR A 89 -71.98 18.41 -20.15
C THR A 89 -71.71 17.99 -18.70
N GLN A 90 -70.60 18.43 -18.11
CA GLN A 90 -70.21 17.97 -16.74
C GLN A 90 -70.75 18.93 -15.69
N MET A 91 -71.64 19.83 -16.08
CA MET A 91 -72.28 20.73 -15.09
C MET A 91 -73.00 19.85 -14.07
N SER A 92 -73.56 18.71 -14.50
CA SER A 92 -74.34 17.86 -13.57
C SER A 92 -73.45 17.49 -12.38
N GLU A 93 -73.93 17.75 -11.17
CA GLU A 93 -73.11 17.50 -9.96
C GLU A 93 -72.89 16.01 -9.68
N ALA A 94 -73.94 15.17 -9.82
CA ALA A 94 -73.80 13.76 -9.43
C ALA A 94 -72.99 12.94 -10.45
N ASP A 95 -73.15 13.22 -11.74
CA ASP A 95 -72.47 12.39 -12.79
C ASP A 95 -70.97 12.71 -12.80
N LYS A 96 -70.59 13.88 -12.28
CA LYS A 96 -69.17 14.29 -12.25
C LYS A 96 -68.56 13.61 -11.02
N ARG A 97 -69.39 13.35 -10.02
CA ARG A 97 -68.96 12.61 -8.83
C ARG A 97 -68.80 11.13 -9.17
N ALA A 98 -69.70 10.59 -9.98
CA ALA A 98 -69.66 9.14 -10.25
C ALA A 98 -68.37 8.90 -11.03
N MET A 99 -67.98 9.88 -11.84
CA MET A 99 -66.70 9.81 -12.57
C MET A 99 -65.60 9.79 -11.53
N PHE A 100 -65.64 10.79 -10.63
CA PHE A 100 -64.58 10.89 -9.59
C PHE A 100 -64.50 9.59 -8.76
N ALA A 101 -65.64 9.00 -8.44
CA ALA A 101 -65.66 7.75 -7.66
C ALA A 101 -65.04 6.60 -8.45
N LYS A 102 -65.31 6.54 -9.75
CA LYS A 102 -64.69 5.50 -10.62
C LYS A 102 -63.20 5.75 -10.62
N LEU A 103 -62.83 7.03 -10.60
CA LEU A 103 -61.40 7.43 -10.63
C LEU A 103 -60.79 6.83 -9.38
N GLU A 104 -61.50 6.92 -8.28
CA GLU A 104 -60.91 6.27 -7.09
C GLU A 104 -60.71 4.80 -7.41
N GLU A 105 -61.75 4.14 -7.88
CA GLU A 105 -61.67 2.67 -8.02
C GLU A 105 -60.41 2.32 -8.82
N GLU A 106 -60.18 2.98 -9.96
CA GLU A 106 -59.01 2.69 -10.84
C GLU A 106 -57.70 3.10 -10.16
N MET A 107 -57.72 4.12 -9.30
CA MET A 107 -56.51 4.61 -8.63
C MET A 107 -56.10 3.63 -7.53
N THR A 108 -57.05 2.93 -6.97
CA THR A 108 -56.66 2.09 -5.84
C THR A 108 -56.19 0.84 -6.56
N THR A 109 -56.83 0.52 -7.65
CA THR A 109 -56.34 -0.55 -8.50
C THR A 109 -54.85 -0.43 -8.78
N TYR A 110 -54.32 0.79 -8.82
CA TYR A 110 -52.89 0.98 -9.04
C TYR A 110 -52.11 0.77 -7.74
N ALA A 111 -52.54 1.44 -6.66
CA ALA A 111 -51.85 1.35 -5.38
C ALA A 111 -51.78 -0.08 -4.88
N TYR A 112 -52.74 -0.93 -5.24
CA TYR A 112 -52.57 -2.36 -4.99
C TYR A 112 -51.40 -2.91 -5.79
N TYR A 113 -51.51 -2.86 -7.13
CA TYR A 113 -50.42 -3.33 -7.98
C TYR A 113 -49.10 -2.74 -7.53
N TYR A 114 -49.09 -1.42 -7.29
CA TYR A 114 -47.86 -0.73 -6.95
C TYR A 114 -47.20 -1.39 -5.75
N THR A 115 -47.98 -1.62 -4.69
CA THR A 115 -47.42 -2.26 -3.50
C THR A 115 -46.82 -3.60 -3.85
N GLY A 116 -47.55 -4.41 -4.63
CA GLY A 116 -47.01 -5.69 -5.05
C GLY A 116 -45.69 -5.52 -5.76
N ILE A 117 -45.61 -4.54 -6.67
CA ILE A 117 -44.36 -4.29 -7.37
C ILE A 117 -43.25 -4.04 -6.37
N GLY A 118 -43.50 -3.18 -5.38
CA GLY A 118 -42.50 -2.94 -4.35
C GLY A 118 -42.08 -4.21 -3.66
N ALA A 119 -43.05 -5.07 -3.32
CA ALA A 119 -42.72 -6.34 -2.72
C ALA A 119 -41.73 -7.12 -3.57
N GLY A 120 -42.02 -7.21 -4.87
CA GLY A 120 -41.09 -7.89 -5.76
C GLY A 120 -39.71 -7.29 -5.71
N VAL A 121 -39.64 -5.95 -5.68
CA VAL A 121 -38.34 -5.30 -5.61
C VAL A 121 -37.59 -5.76 -4.37
N LEU A 122 -38.28 -5.86 -3.23
CA LEU A 122 -37.62 -6.22 -1.98
C LEU A 122 -36.90 -7.55 -2.10
N ILE A 123 -37.33 -8.39 -3.03
CA ILE A 123 -36.55 -9.60 -3.33
C ILE A 123 -35.43 -9.26 -4.30
N VAL A 124 -35.79 -8.84 -5.51
CA VAL A 124 -34.83 -8.86 -6.61
C VAL A 124 -33.69 -7.89 -6.34
N ALA A 125 -34.00 -6.72 -5.77
CA ALA A 125 -32.94 -5.77 -5.42
C ALA A 125 -31.89 -6.44 -4.55
N TYR A 126 -32.31 -7.08 -3.46
CA TYR A 126 -31.33 -7.82 -2.67
C TYR A 126 -30.57 -8.79 -3.56
N ILE A 127 -31.30 -9.59 -4.33
CA ILE A 127 -30.70 -10.69 -5.07
C ILE A 127 -29.65 -10.17 -6.03
N GLN A 128 -29.76 -8.90 -6.45
CA GLN A 128 -28.68 -8.41 -7.30
C GLN A 128 -27.50 -7.98 -6.45
N VAL A 129 -27.69 -6.98 -5.59
CA VAL A 129 -26.55 -6.34 -4.95
C VAL A 129 -25.74 -7.35 -4.18
N SER A 130 -26.35 -7.98 -3.18
CA SER A 130 -25.71 -9.04 -2.41
C SER A 130 -24.94 -9.97 -3.33
N PHE A 131 -25.62 -10.56 -4.31
CA PHE A 131 -24.96 -11.60 -5.10
C PHE A 131 -23.75 -11.03 -5.81
N TRP A 132 -23.89 -9.86 -6.43
CA TRP A 132 -22.75 -9.28 -7.13
C TRP A 132 -21.64 -8.98 -6.15
N ALA A 133 -21.99 -8.43 -4.99
CA ALA A 133 -20.97 -8.23 -3.97
C ALA A 133 -20.37 -9.55 -3.53
N LEU A 134 -21.20 -10.58 -3.36
CA LEU A 134 -20.67 -11.89 -3.00
C LEU A 134 -19.77 -12.43 -4.11
N ALA A 135 -20.05 -12.05 -5.36
CA ALA A 135 -19.21 -12.51 -6.46
C ALA A 135 -17.91 -11.73 -6.54
N ALA A 136 -17.88 -10.53 -5.93
CA ALA A 136 -16.67 -9.73 -5.97
C ALA A 136 -15.74 -10.08 -4.82
N GLY A 137 -16.27 -10.16 -3.60
CA GLY A 137 -15.45 -10.48 -2.46
C GLY A 137 -14.80 -11.85 -2.58
N ARG A 138 -15.48 -12.79 -3.22
CA ARG A 138 -14.90 -14.11 -3.43
C ARG A 138 -13.76 -14.05 -4.44
N GLN A 139 -13.80 -13.10 -5.36
CA GLN A 139 -12.74 -13.03 -6.38
C GLN A 139 -11.59 -12.16 -5.91
N ILE A 140 -11.89 -11.01 -5.30
CA ILE A 140 -10.85 -10.17 -4.73
C ILE A 140 -10.04 -10.94 -3.70
N HIS A 141 -10.70 -11.73 -2.86
CA HIS A 141 -9.98 -12.58 -1.92
C HIS A 141 -9.08 -13.57 -2.63
N LYS A 142 -9.53 -14.11 -3.77
CA LYS A 142 -8.70 -15.08 -4.48
C LYS A 142 -7.63 -14.40 -5.31
N ILE A 143 -7.89 -13.17 -5.77
CA ILE A 143 -6.86 -12.42 -6.51
C ILE A 143 -5.67 -12.13 -5.62
N ARG A 144 -5.93 -11.61 -4.40
CA ARG A 144 -4.84 -11.27 -3.50
C ARG A 144 -3.95 -12.46 -3.20
N GLN A 145 -4.54 -13.64 -3.05
CA GLN A 145 -3.74 -14.84 -2.82
C GLN A 145 -3.00 -15.26 -4.08
N LYS A 146 -3.62 -15.09 -5.25
CA LYS A 146 -2.92 -15.39 -6.49
C LYS A 146 -1.84 -14.37 -6.81
N PHE A 147 -2.03 -13.12 -6.39
CA PHE A 147 -1.02 -12.10 -6.58
C PHE A 147 0.21 -12.38 -5.71
N PHE A 148 0.00 -12.46 -4.40
CA PHE A 148 1.10 -12.66 -3.47
C PHE A 148 1.88 -13.93 -3.79
N HIS A 149 1.17 -15.02 -4.08
CA HIS A 149 1.84 -16.25 -4.51
C HIS A 149 2.79 -15.97 -5.66
N ALA A 150 2.30 -15.29 -6.70
CA ALA A 150 3.16 -14.95 -7.83
C ALA A 150 4.36 -14.14 -7.38
N ILE A 151 4.15 -13.21 -6.46
CA ILE A 151 5.25 -12.39 -5.95
C ILE A 151 6.30 -13.28 -5.29
N MET A 152 5.85 -14.30 -4.56
CA MET A 152 6.76 -15.22 -3.89
C MET A 152 7.32 -16.25 -4.86
N ASN A 153 6.83 -16.29 -6.10
CA ASN A 153 7.26 -17.28 -7.06
C ASN A 153 8.42 -16.80 -7.92
N GLN A 154 8.56 -15.50 -8.11
CA GLN A 154 9.61 -14.98 -8.96
C GLN A 154 10.98 -15.29 -8.39
N GLU A 155 12.01 -15.26 -9.24
CA GLU A 155 13.34 -15.59 -8.79
C GLU A 155 14.10 -14.33 -8.36
N ILE A 156 15.34 -14.54 -7.93
CA ILE A 156 16.13 -13.47 -7.32
C ILE A 156 16.50 -12.42 -8.38
N GLY A 157 16.79 -12.86 -9.60
CA GLY A 157 17.11 -11.91 -10.66
C GLY A 157 15.95 -10.95 -10.94
N TRP A 158 14.73 -11.47 -10.90
CA TRP A 158 13.55 -10.62 -11.11
C TRP A 158 13.46 -9.56 -10.01
N PHE A 159 13.72 -9.94 -8.76
CA PHE A 159 13.70 -8.98 -7.67
C PHE A 159 14.81 -7.94 -7.84
N ASP A 160 15.97 -8.39 -8.36
CA ASP A 160 17.12 -7.46 -8.55
C ASP A 160 16.80 -6.45 -9.66
N VAL A 161 16.10 -6.88 -10.71
CA VAL A 161 15.84 -6.00 -11.84
C VAL A 161 14.74 -4.98 -11.49
N HIS A 162 13.60 -5.47 -11.03
CA HIS A 162 12.45 -4.59 -10.79
C HIS A 162 12.56 -3.91 -9.44
N ASP A 163 11.79 -2.84 -9.27
CA ASP A 163 11.63 -2.20 -7.97
C ASP A 163 10.47 -2.85 -7.24
N VAL A 164 10.78 -3.62 -6.19
CA VAL A 164 9.75 -4.36 -5.48
C VAL A 164 9.09 -3.55 -4.37
N GLY A 165 9.66 -2.41 -4.01
CA GLY A 165 9.04 -1.56 -3.00
C GLY A 165 7.66 -1.08 -3.41
N GLU A 166 7.38 -1.07 -4.71
CA GLU A 166 6.06 -0.71 -5.20
C GLU A 166 5.03 -1.81 -4.95
N LEU A 167 5.47 -3.07 -4.90
CA LEU A 167 4.53 -4.19 -4.86
C LEU A 167 3.53 -4.04 -3.73
N ASN A 168 3.98 -3.51 -2.59
CA ASN A 168 3.10 -3.37 -1.40
C ASN A 168 1.84 -2.57 -1.75
N THR A 169 1.98 -1.45 -2.48
CA THR A 169 0.81 -0.68 -2.86
C THR A 169 -0.08 -1.49 -3.81
N ARG A 170 0.54 -2.22 -4.73
CA ARG A 170 -0.22 -3.06 -5.65
C ARG A 170 -1.08 -4.05 -4.87
N LEU A 171 -0.63 -4.45 -3.69
CA LEU A 171 -1.41 -5.37 -2.87
C LEU A 171 -2.57 -4.67 -2.18
N THR A 172 -2.36 -3.43 -1.73
CA THR A 172 -3.38 -2.77 -0.91
C THR A 172 -4.27 -1.88 -1.75
N ASP A 173 -3.68 -0.88 -2.42
CA ASP A 173 -4.48 0.09 -3.16
C ASP A 173 -4.95 -0.47 -4.49
N ASP A 174 -4.03 -1.03 -5.28
CA ASP A 174 -4.34 -1.41 -6.66
C ASP A 174 -5.48 -2.43 -6.70
N VAL A 175 -5.34 -3.53 -5.96
CA VAL A 175 -6.40 -4.54 -5.93
C VAL A 175 -7.70 -3.93 -5.44
N SER A 176 -7.62 -2.96 -4.52
CA SER A 176 -8.84 -2.34 -4.02
C SER A 176 -9.62 -1.69 -5.15
N LYS A 177 -8.93 -1.11 -6.14
CA LYS A 177 -9.63 -0.48 -7.24
C LYS A 177 -10.40 -1.50 -8.07
N ILE A 178 -9.94 -2.75 -8.07
CA ILE A 178 -10.71 -3.81 -8.72
C ILE A 178 -11.98 -4.11 -7.93
N ASN A 179 -11.88 -4.07 -6.60
CA ASN A 179 -13.03 -4.43 -5.76
C ASN A 179 -14.21 -3.51 -6.01
N GLU A 180 -13.95 -2.22 -6.23
CA GLU A 180 -15.01 -1.27 -6.47
C GLU A 180 -15.53 -1.30 -7.90
N GLY A 181 -14.98 -2.16 -8.76
CA GLY A 181 -15.39 -2.16 -10.14
C GLY A 181 -15.92 -3.48 -10.66
N ILE A 182 -16.02 -4.49 -9.79
CA ILE A 182 -16.60 -5.76 -10.19
C ILE A 182 -17.67 -6.15 -9.17
N GLY A 183 -18.10 -5.18 -8.36
CA GLY A 183 -19.07 -5.45 -7.33
C GLY A 183 -20.50 -5.15 -7.75
N ASP A 184 -21.25 -4.50 -6.88
CA ASP A 184 -22.65 -4.18 -7.17
C ASP A 184 -22.79 -3.06 -8.20
N LYS A 185 -21.70 -2.35 -8.50
CA LYS A 185 -21.76 -1.33 -9.55
C LYS A 185 -22.19 -1.94 -10.88
N ILE A 186 -21.71 -3.14 -11.17
CA ILE A 186 -22.14 -3.84 -12.38
C ILE A 186 -23.63 -4.14 -12.33
N GLY A 187 -24.12 -4.55 -11.16
CA GLY A 187 -25.54 -4.83 -11.02
C GLY A 187 -26.39 -3.60 -11.28
N MET A 188 -25.97 -2.45 -10.73
CA MET A 188 -26.75 -1.24 -10.96
C MET A 188 -26.66 -0.78 -12.42
N PHE A 189 -25.50 -1.00 -13.05
CA PHE A 189 -25.39 -0.74 -14.48
C PHE A 189 -26.41 -1.56 -15.26
N PHE A 190 -26.47 -2.86 -15.00
CA PHE A 190 -27.42 -3.71 -15.72
C PHE A 190 -28.85 -3.33 -15.40
N GLN A 191 -29.12 -2.90 -14.17
CA GLN A 191 -30.45 -2.41 -13.82
C GLN A 191 -30.84 -1.22 -14.71
N ALA A 192 -29.96 -0.23 -14.81
CA ALA A 192 -30.28 0.96 -15.59
C ALA A 192 -30.43 0.64 -17.08
N MET A 193 -29.56 -0.21 -17.62
CA MET A 193 -29.68 -0.56 -19.03
C MET A 193 -30.93 -1.40 -19.29
N ALA A 194 -31.32 -2.26 -18.36
CA ALA A 194 -32.59 -2.96 -18.49
C ALA A 194 -33.76 -2.00 -18.49
N THR A 195 -33.75 -1.00 -17.60
CA THR A 195 -34.81 0.01 -17.61
C THR A 195 -34.88 0.71 -18.96
N PHE A 196 -33.74 1.19 -19.45
CA PHE A 196 -33.69 1.91 -20.71
C PHE A 196 -34.22 1.05 -21.86
N PHE A 197 -33.73 -0.17 -21.99
CA PHE A 197 -34.09 -0.98 -23.15
C PHE A 197 -35.51 -1.50 -23.05
N GLY A 198 -36.00 -1.79 -21.84
CA GLY A 198 -37.40 -2.18 -21.71
C GLY A 198 -38.34 -1.06 -22.08
N GLY A 199 -38.04 0.17 -21.64
CA GLY A 199 -38.83 1.30 -22.06
C GLY A 199 -38.82 1.47 -23.56
N PHE A 200 -37.66 1.28 -24.19
CA PHE A 200 -37.58 1.41 -25.64
C PHE A 200 -38.36 0.31 -26.34
N ILE A 201 -38.39 -0.88 -25.78
CA ILE A 201 -39.19 -1.98 -26.39
C ILE A 201 -40.68 -1.72 -26.20
N ILE A 202 -41.09 -1.38 -24.97
CA ILE A 202 -42.52 -1.01 -24.77
C ILE A 202 -42.85 0.08 -25.79
N GLY A 203 -41.94 1.03 -26.00
CA GLY A 203 -42.15 2.10 -27.00
C GLY A 203 -42.28 1.55 -28.41
N PHE A 204 -41.47 0.55 -28.76
CA PHE A 204 -41.50 -0.04 -30.13
C PHE A 204 -42.87 -0.65 -30.42
N THR A 205 -43.44 -1.35 -29.43
CA THR A 205 -44.74 -2.03 -29.64
C THR A 205 -45.82 -0.99 -29.94
N ARG A 206 -45.79 0.15 -29.25
CA ARG A 206 -46.86 1.17 -29.43
C ARG A 206 -46.53 2.13 -30.59
N GLY A 207 -45.42 2.88 -30.51
CA GLY A 207 -45.08 3.86 -31.55
C GLY A 207 -43.76 3.60 -32.25
N TRP A 208 -43.72 2.73 -33.25
CA TRP A 208 -42.42 2.27 -33.78
C TRP A 208 -41.51 3.33 -34.37
N LYS A 209 -42.03 4.22 -35.18
CA LYS A 209 -41.12 5.13 -35.88
C LYS A 209 -40.44 5.99 -34.84
N LEU A 210 -41.20 6.78 -34.12
CA LEU A 210 -40.67 7.66 -33.09
C LEU A 210 -39.62 6.93 -32.26
N THR A 211 -39.85 5.66 -31.96
CA THR A 211 -38.90 4.88 -31.18
C THR A 211 -37.57 4.70 -31.93
N LEU A 212 -37.62 4.41 -33.23
CA LEU A 212 -36.38 4.32 -34.00
C LEU A 212 -35.65 5.65 -34.05
N VAL A 213 -36.39 6.75 -34.24
CA VAL A 213 -35.74 8.05 -34.32
C VAL A 213 -35.06 8.39 -33.00
N ILE A 214 -35.71 8.04 -31.88
CA ILE A 214 -35.10 8.29 -30.57
C ILE A 214 -33.89 7.37 -30.35
N LEU A 215 -34.03 6.10 -30.70
CA LEU A 215 -32.98 5.11 -30.48
C LEU A 215 -31.76 5.36 -31.35
N ALA A 216 -31.92 6.10 -32.46
CA ALA A 216 -30.77 6.41 -33.30
C ALA A 216 -29.70 7.22 -32.56
N ILE A 217 -30.06 7.84 -31.44
CA ILE A 217 -29.11 8.58 -30.64
C ILE A 217 -28.30 7.69 -29.70
N SER A 218 -28.85 6.58 -29.22
CA SER A 218 -28.13 5.72 -28.30
C SER A 218 -26.75 5.26 -28.79
N PRO A 219 -26.49 5.05 -30.09
CA PRO A 219 -25.11 4.80 -30.49
C PRO A 219 -24.15 5.91 -30.12
N VAL A 220 -24.60 7.17 -30.13
CA VAL A 220 -23.73 8.27 -29.71
C VAL A 220 -23.43 8.16 -28.22
N LEU A 221 -24.43 7.80 -27.41
CA LEU A 221 -24.18 7.55 -26.00
C LEU A 221 -23.17 6.43 -25.81
N GLY A 222 -23.30 5.34 -26.56
CA GLY A 222 -22.35 4.25 -26.42
C GLY A 222 -20.95 4.63 -26.82
N LEU A 223 -20.81 5.36 -27.94
CA LEU A 223 -19.50 5.82 -28.37
C LEU A 223 -18.86 6.73 -27.33
N SER A 224 -19.63 7.69 -26.82
CA SER A 224 -19.09 8.60 -25.80
C SER A 224 -18.66 7.85 -24.56
N ALA A 225 -19.53 6.95 -24.07
CA ALA A 225 -19.20 6.22 -22.85
C ALA A 225 -17.97 5.34 -23.04
N GLY A 226 -17.85 4.67 -24.19
CA GLY A 226 -16.69 3.82 -24.42
C GLY A 226 -15.40 4.61 -24.53
N ILE A 227 -15.43 5.73 -25.26
CA ILE A 227 -14.23 6.54 -25.39
C ILE A 227 -13.80 7.09 -24.04
N TRP A 228 -14.74 7.65 -23.26
CA TRP A 228 -14.41 8.15 -21.94
C TRP A 228 -13.93 7.04 -21.02
N ALA A 229 -14.48 5.83 -21.16
CA ALA A 229 -14.04 4.72 -20.33
C ALA A 229 -12.60 4.34 -20.64
N LYS A 230 -12.24 4.27 -21.91
CA LYS A 230 -10.86 3.94 -22.26
C LYS A 230 -9.89 5.01 -21.77
N ILE A 231 -10.26 6.29 -21.95
CA ILE A 231 -9.40 7.38 -21.47
C ILE A 231 -9.24 7.28 -19.95
N LEU A 232 -10.33 7.04 -19.24
CA LEU A 232 -10.30 6.95 -17.79
C LEU A 232 -9.45 5.76 -17.32
N SER A 233 -9.57 4.63 -18.01
CA SER A 233 -8.75 3.47 -17.66
C SER A 233 -7.27 3.75 -17.86
N SER A 234 -6.91 4.40 -18.96
CA SER A 234 -5.52 4.76 -19.19
C SER A 234 -5.00 5.70 -18.11
N PHE A 235 -5.82 6.67 -17.70
CA PHE A 235 -5.38 7.60 -16.67
C PHE A 235 -5.27 6.91 -15.31
N THR A 236 -6.15 5.96 -15.03
CA THR A 236 -6.09 5.21 -13.78
C THR A 236 -4.81 4.38 -13.71
N ASP A 237 -4.42 3.77 -14.83
CA ASP A 237 -3.17 3.02 -14.86
C ASP A 237 -1.99 3.87 -14.41
N LYS A 238 -1.87 5.06 -14.99
CA LYS A 238 -0.77 5.96 -14.66
C LYS A 238 -0.86 6.47 -13.22
N GLU A 239 -2.06 6.80 -12.76
CA GLU A 239 -2.20 7.26 -11.38
C GLU A 239 -1.82 6.19 -10.37
N LEU A 240 -2.22 4.94 -10.61
CA LEU A 240 -1.79 3.83 -9.79
C LEU A 240 -0.28 3.65 -9.82
N HIS A 241 0.35 3.82 -10.99
CA HIS A 241 1.81 3.74 -11.05
C HIS A 241 2.47 4.81 -10.20
N ALA A 242 1.96 6.05 -10.28
CA ALA A 242 2.54 7.13 -9.47
C ALA A 242 2.37 6.86 -7.98
N TYR A 243 1.20 6.35 -7.58
CA TYR A 243 0.99 6.01 -6.18
C TYR A 243 1.91 4.88 -5.74
N ALA A 244 2.17 3.90 -6.62
CA ALA A 244 3.10 2.84 -6.29
C ALA A 244 4.52 3.37 -6.11
N LYS A 245 4.92 4.32 -6.95
CA LYS A 245 6.24 4.93 -6.78
C LYS A 245 6.34 5.68 -5.46
N ALA A 246 5.28 6.42 -5.10
CA ALA A 246 5.29 7.10 -3.81
C ALA A 246 5.37 6.10 -2.66
N GLY A 247 4.65 4.99 -2.77
CA GLY A 247 4.72 3.96 -1.74
C GLY A 247 6.10 3.34 -1.63
N ALA A 248 6.77 3.15 -2.77
CA ALA A 248 8.13 2.62 -2.75
C ALA A 248 9.08 3.58 -2.04
N VAL A 249 8.95 4.88 -2.32
CA VAL A 249 9.78 5.87 -1.64
C VAL A 249 9.52 5.83 -0.14
N ALA A 250 8.24 5.79 0.25
CA ALA A 250 7.89 5.79 1.67
C ALA A 250 8.44 4.55 2.37
N GLU A 251 8.29 3.38 1.73
CA GLU A 251 8.78 2.14 2.32
C GLU A 251 10.29 2.16 2.49
N GLU A 252 11.01 2.63 1.47
CA GLU A 252 12.47 2.71 1.58
C GLU A 252 12.89 3.64 2.69
N VAL A 253 12.23 4.79 2.83
CA VAL A 253 12.60 5.74 3.87
C VAL A 253 12.29 5.16 5.25
N LEU A 254 11.13 4.53 5.40
CA LEU A 254 10.74 4.03 6.71
C LEU A 254 11.57 2.83 7.15
N ALA A 255 12.07 2.02 6.21
CA ALA A 255 12.93 0.92 6.60
C ALA A 255 14.31 1.38 7.05
N ALA A 256 14.80 2.50 6.55
CA ALA A 256 16.12 3.01 6.94
C ALA A 256 15.99 4.31 7.71
N ILE A 257 14.84 4.49 8.37
CA ILE A 257 14.59 5.67 9.18
C ILE A 257 15.74 5.99 10.13
N ARG A 258 16.46 4.99 10.62
CA ARG A 258 17.56 5.27 11.55
C ARG A 258 18.66 6.07 10.87
N THR A 259 19.10 5.64 9.68
CA THR A 259 20.08 6.41 8.93
C THR A 259 19.50 7.71 8.40
N VAL A 260 18.20 7.75 8.12
CA VAL A 260 17.56 8.99 7.73
C VAL A 260 17.67 10.03 8.84
N ILE A 261 17.38 9.62 10.07
CA ILE A 261 17.41 10.52 11.22
C ILE A 261 18.83 10.92 11.56
N ALA A 262 19.77 9.96 11.51
CA ALA A 262 21.14 10.26 11.88
C ALA A 262 21.74 11.32 10.97
N PHE A 263 21.46 11.25 9.68
CA PHE A 263 21.99 12.20 8.71
C PHE A 263 21.04 13.36 8.44
N GLY A 264 19.93 13.45 9.17
CA GLY A 264 19.01 14.56 9.02
C GLY A 264 18.38 14.68 7.65
N GLY A 265 18.03 13.55 7.04
CA GLY A 265 17.54 13.57 5.68
C GLY A 265 16.04 13.55 5.55
N GLN A 266 15.33 14.06 6.56
CA GLN A 266 13.87 14.06 6.51
C GLN A 266 13.32 14.90 5.36
N LYS A 267 13.88 16.09 5.12
CA LYS A 267 13.34 16.97 4.10
C LYS A 267 13.48 16.39 2.69
N LYS A 268 14.61 15.74 2.39
CA LYS A 268 14.80 15.20 1.05
C LYS A 268 13.87 14.03 0.78
N GLU A 269 13.67 13.16 1.77
CA GLU A 269 12.70 12.08 1.61
C GLU A 269 11.28 12.63 1.47
N LEU A 270 10.97 13.67 2.25
CA LEU A 270 9.66 14.31 2.12
C LEU A 270 9.48 14.90 0.73
N GLU A 271 10.54 15.49 0.16
CA GLU A 271 10.44 16.07 -1.18
C GLU A 271 10.27 15.00 -2.25
N ARG A 272 10.96 13.87 -2.11
CA ARG A 272 10.74 12.77 -3.05
C ARG A 272 9.29 12.29 -3.00
N TYR A 273 8.78 12.07 -1.78
CA TYR A 273 7.39 11.68 -1.61
C TYR A 273 6.47 12.73 -2.23
N ASN A 274 6.80 14.00 -2.05
CA ASN A 274 5.98 15.09 -2.56
C ASN A 274 5.95 15.10 -4.08
N ASN A 275 7.09 14.83 -4.72
CA ASN A 275 7.12 14.79 -6.17
C ASN A 275 6.23 13.67 -6.72
N ASN A 276 6.32 12.48 -6.11
CA ASN A 276 5.45 11.39 -6.56
C ASN A 276 3.98 11.72 -6.31
N LEU A 277 3.67 12.33 -5.17
CA LEU A 277 2.30 12.71 -4.86
C LEU A 277 1.78 13.76 -5.83
N GLU A 278 2.65 14.69 -6.24
CA GLU A 278 2.24 15.71 -7.21
C GLU A 278 1.92 15.09 -8.56
N GLU A 279 2.74 14.12 -9.00
CA GLU A 279 2.41 13.44 -10.25
C GLU A 279 1.08 12.71 -10.14
N ALA A 280 0.84 12.04 -9.01
CA ALA A 280 -0.43 11.35 -8.82
C ALA A 280 -1.60 12.32 -8.83
N LYS A 281 -1.45 13.48 -8.20
CA LYS A 281 -2.51 14.48 -8.19
C LYS A 281 -2.79 15.02 -9.59
N ARG A 282 -1.72 15.27 -10.35
CA ARG A 282 -1.88 15.71 -11.73
C ARG A 282 -2.65 14.70 -12.56
N LEU A 283 -2.42 13.40 -12.35
CA LEU A 283 -3.20 12.39 -13.06
C LEU A 283 -4.63 12.32 -12.56
N GLY A 284 -4.84 12.45 -11.24
CA GLY A 284 -6.19 12.37 -10.70
C GLY A 284 -7.07 13.50 -11.14
N ILE A 285 -6.50 14.70 -11.30
CA ILE A 285 -7.30 15.84 -11.76
C ILE A 285 -7.81 15.58 -13.17
N LYS A 286 -6.95 15.05 -14.04
CA LYS A 286 -7.40 14.72 -15.39
C LYS A 286 -8.45 13.61 -15.36
N LYS A 287 -8.30 12.65 -14.44
CA LYS A 287 -9.34 11.62 -14.31
C LYS A 287 -10.67 12.23 -13.91
N ALA A 288 -10.67 13.16 -12.96
CA ALA A 288 -11.92 13.81 -12.58
C ALA A 288 -12.51 14.58 -13.75
N ILE A 289 -11.67 15.28 -14.51
CA ILE A 289 -12.16 16.06 -15.64
C ILE A 289 -12.84 15.16 -16.65
N THR A 290 -12.20 14.04 -17.01
CA THR A 290 -12.80 13.19 -18.04
C THR A 290 -14.07 12.50 -17.53
N ALA A 291 -14.10 12.06 -16.27
CA ALA A 291 -15.31 11.43 -15.75
C ALA A 291 -16.48 12.40 -15.73
N ASN A 292 -16.23 13.63 -15.28
CA ASN A 292 -17.30 14.62 -15.20
C ASN A 292 -17.76 15.05 -16.59
N ILE A 293 -16.82 15.18 -17.54
CA ILE A 293 -17.23 15.52 -18.89
C ILE A 293 -18.04 14.39 -19.50
N SER A 294 -17.73 13.14 -19.16
CA SER A 294 -18.54 12.02 -19.62
C SER A 294 -19.97 12.13 -19.12
N MET A 295 -20.13 12.37 -17.81
CA MET A 295 -21.47 12.50 -17.27
C MET A 295 -22.24 13.67 -17.89
N GLY A 296 -21.58 14.81 -18.04
CA GLY A 296 -22.23 15.97 -18.64
C GLY A 296 -22.64 15.74 -20.08
N ALA A 297 -21.78 15.11 -20.86
CA ALA A 297 -22.14 14.80 -22.25
C ALA A 297 -23.31 13.85 -22.31
N ALA A 298 -23.34 12.85 -21.40
CA ALA A 298 -24.48 11.95 -21.35
C ALA A 298 -25.78 12.72 -21.14
N PHE A 299 -25.81 13.59 -20.12
CA PHE A 299 -27.04 14.32 -19.84
C PHE A 299 -27.43 15.27 -20.98
N LEU A 300 -26.43 15.95 -21.56
CA LEU A 300 -26.70 16.83 -22.70
C LEU A 300 -27.35 16.06 -23.85
N LEU A 301 -26.81 14.87 -24.16
CA LEU A 301 -27.36 14.13 -25.29
C LEU A 301 -28.72 13.55 -24.96
N ILE A 302 -28.98 13.26 -23.68
CA ILE A 302 -30.34 12.86 -23.28
C ILE A 302 -31.34 13.97 -23.55
N TYR A 303 -31.00 15.21 -23.16
CA TYR A 303 -31.94 16.29 -23.41
C TYR A 303 -32.07 16.58 -24.90
N ALA A 304 -30.99 16.40 -25.66
CA ALA A 304 -31.09 16.50 -27.11
C ALA A 304 -32.04 15.44 -27.66
N SER A 305 -32.01 14.24 -27.09
CA SER A 305 -32.96 13.20 -27.51
C SER A 305 -34.38 13.61 -27.19
N TYR A 306 -34.61 14.24 -26.04
CA TYR A 306 -35.93 14.77 -25.72
C TYR A 306 -36.41 15.74 -26.79
N ALA A 307 -35.54 16.68 -27.16
CA ALA A 307 -35.90 17.67 -28.18
C ALA A 307 -36.20 17.02 -29.52
N LEU A 308 -35.36 16.05 -29.92
CA LEU A 308 -35.58 15.34 -31.17
C LEU A 308 -36.91 14.59 -31.15
N ALA A 309 -37.23 13.96 -30.02
CA ALA A 309 -38.49 13.25 -29.89
C ALA A 309 -39.67 14.18 -30.05
N PHE A 310 -39.63 15.35 -29.39
CA PHE A 310 -40.74 16.30 -29.53
C PHE A 310 -40.86 16.80 -30.96
N TRP A 311 -39.74 17.10 -31.61
CA TRP A 311 -39.81 17.60 -32.98
C TRP A 311 -40.40 16.55 -33.92
N TYR A 312 -39.95 15.30 -33.79
CA TYR A 312 -40.50 14.25 -34.64
C TYR A 312 -41.97 13.99 -34.35
N GLY A 313 -42.37 14.08 -33.07
CA GLY A 313 -43.78 13.89 -32.74
C GLY A 313 -44.65 14.98 -33.33
N THR A 314 -44.20 16.23 -33.27
CA THR A 314 -44.94 17.31 -33.90
C THR A 314 -45.03 17.10 -35.40
N SER A 315 -43.93 16.69 -36.04
CA SER A 315 -43.97 16.42 -37.47
C SER A 315 -44.95 15.30 -37.79
N LEU A 316 -44.97 14.24 -36.96
CA LEU A 316 -45.86 13.12 -37.19
C LEU A 316 -47.31 13.53 -37.07
N VAL A 317 -47.65 14.32 -36.05
CA VAL A 317 -49.04 14.72 -35.84
C VAL A 317 -49.44 15.74 -36.89
N ILE A 318 -48.46 16.41 -37.48
CA ILE A 318 -48.70 17.23 -38.67
C ILE A 318 -49.05 16.38 -39.88
N SER A 319 -48.29 15.31 -40.11
CA SER A 319 -48.62 14.41 -41.21
C SER A 319 -49.77 13.48 -40.86
N LYS A 320 -50.23 13.49 -39.61
CA LYS A 320 -51.36 12.70 -39.10
C LYS A 320 -51.12 11.20 -39.19
N GLU A 321 -49.88 10.75 -39.32
CA GLU A 321 -49.61 9.32 -39.33
C GLU A 321 -49.70 8.74 -37.92
N TYR A 322 -49.34 9.53 -36.92
CA TYR A 322 -49.38 9.10 -35.53
C TYR A 322 -50.45 9.88 -34.77
N SER A 323 -51.24 9.16 -33.98
CA SER A 323 -52.19 9.80 -33.09
C SER A 323 -51.46 10.53 -31.97
N ILE A 324 -52.12 11.56 -31.57
CA ILE A 324 -51.43 12.34 -30.56
C ILE A 324 -51.33 11.38 -29.38
N GLY A 325 -52.41 10.64 -29.13
CA GLY A 325 -52.38 9.67 -28.03
C GLY A 325 -51.15 8.82 -28.22
N GLN A 326 -50.97 8.33 -29.44
CA GLN A 326 -49.82 7.43 -29.69
C GLN A 326 -48.54 8.20 -29.34
N VAL A 327 -48.45 9.50 -29.67
CA VAL A 327 -47.16 10.20 -29.43
C VAL A 327 -46.89 10.26 -27.94
N LEU A 328 -47.88 10.55 -27.14
CA LEU A 328 -47.61 10.53 -25.69
C LEU A 328 -47.34 9.09 -25.23
N THR A 329 -47.93 8.08 -25.88
CA THR A 329 -47.62 6.72 -25.42
C THR A 329 -46.14 6.49 -25.56
N VAL A 330 -45.53 7.02 -26.60
CA VAL A 330 -44.10 6.67 -26.82
C VAL A 330 -43.34 7.58 -25.90
N PHE A 331 -43.79 8.81 -25.78
CA PHE A 331 -42.93 9.74 -25.03
C PHE A 331 -42.92 9.18 -23.66
N PHE A 332 -44.11 8.80 -23.22
CA PHE A 332 -44.14 8.38 -21.81
C PHE A 332 -43.56 6.98 -21.70
N SER A 333 -42.94 6.46 -22.75
CA SER A 333 -42.35 5.13 -22.54
C SER A 333 -40.86 5.09 -22.87
N VAL A 334 -40.32 6.16 -23.41
CA VAL A 334 -38.91 6.08 -23.85
C VAL A 334 -38.17 7.21 -23.17
N LEU A 335 -38.81 7.88 -22.21
CA LEU A 335 -38.03 9.00 -21.70
C LEU A 335 -37.62 8.88 -20.22
N ILE A 336 -37.55 7.73 -19.56
CA ILE A 336 -37.00 7.64 -18.21
C ILE A 336 -35.72 6.82 -18.17
N GLY A 337 -35.63 5.79 -19.01
CA GLY A 337 -34.42 5.00 -19.10
C GLY A 337 -33.23 5.83 -19.51
N ALA A 338 -33.49 6.96 -20.16
CA ALA A 338 -32.42 7.89 -20.51
C ALA A 338 -31.76 8.46 -19.25
N PHE A 339 -32.57 8.97 -18.32
CA PHE A 339 -32.02 9.40 -17.05
C PHE A 339 -31.44 8.23 -16.27
N SER A 340 -31.96 7.03 -16.50
CA SER A 340 -31.36 5.85 -15.90
C SER A 340 -29.92 5.66 -16.36
N VAL A 341 -29.68 5.81 -17.66
CA VAL A 341 -28.32 5.71 -18.20
C VAL A 341 -27.44 6.84 -17.65
N GLY A 342 -28.01 8.05 -17.57
CA GLY A 342 -27.28 9.16 -16.98
C GLY A 342 -26.84 8.87 -15.56
N GLN A 343 -27.70 8.22 -14.79
CA GLN A 343 -27.34 7.83 -13.42
C GLN A 343 -26.38 6.64 -13.41
N ALA A 344 -26.41 5.81 -14.45
CA ALA A 344 -25.55 4.64 -14.52
C ALA A 344 -24.13 4.94 -14.97
N SER A 345 -23.88 6.13 -15.49
CA SER A 345 -22.52 6.49 -15.89
C SER A 345 -21.44 6.26 -14.82
N PRO A 346 -21.64 6.60 -13.55
CA PRO A 346 -20.57 6.35 -12.56
C PRO A 346 -20.18 4.88 -12.44
N ASN A 347 -21.11 3.96 -12.62
CA ASN A 347 -20.76 2.54 -12.61
C ASN A 347 -19.81 2.22 -13.76
N ILE A 348 -20.04 2.84 -14.92
CA ILE A 348 -19.13 2.70 -16.05
C ILE A 348 -17.75 3.22 -15.68
N GLU A 349 -17.72 4.39 -15.02
CA GLU A 349 -16.44 4.93 -14.55
C GLU A 349 -15.72 3.97 -13.63
N ALA A 350 -16.43 3.40 -12.66
CA ALA A 350 -15.80 2.50 -11.70
C ALA A 350 -15.28 1.24 -12.37
N PHE A 351 -16.05 0.68 -13.33
CA PHE A 351 -15.57 -0.49 -14.04
C PHE A 351 -14.34 -0.16 -14.88
N ALA A 352 -14.31 1.02 -15.49
CA ALA A 352 -13.14 1.43 -16.26
C ALA A 352 -11.91 1.56 -15.35
N ASN A 353 -12.09 2.15 -14.18
CA ASN A 353 -11.00 2.26 -13.22
C ASN A 353 -10.51 0.88 -12.79
N ALA A 354 -11.45 -0.05 -12.60
CA ALA A 354 -11.07 -1.40 -12.20
C ALA A 354 -10.26 -2.10 -13.29
N ARG A 355 -10.67 -1.95 -14.54
CA ARG A 355 -9.89 -2.51 -15.63
C ARG A 355 -8.51 -1.87 -15.71
N GLY A 356 -8.43 -0.55 -15.51
CA GLY A 356 -7.14 0.11 -15.52
C GLY A 356 -6.24 -0.35 -14.40
N ALA A 357 -6.83 -0.69 -13.26
CA ALA A 357 -6.07 -1.18 -12.12
C ALA A 357 -5.62 -2.63 -12.29
N ALA A 358 -6.40 -3.45 -12.99
CA ALA A 358 -6.07 -4.87 -13.12
C ALA A 358 -4.93 -5.14 -14.10
N TYR A 359 -4.22 -4.13 -14.58
CA TYR A 359 -3.17 -4.37 -15.56
C TYR A 359 -1.93 -4.99 -14.93
N GLU A 360 -1.30 -4.26 -14.01
CA GLU A 360 -0.02 -4.69 -13.44
C GLU A 360 -0.19 -5.94 -12.59
N VAL A 361 -1.32 -6.05 -11.89
CA VAL A 361 -1.56 -7.20 -11.03
C VAL A 361 -1.52 -8.49 -11.83
N PHE A 362 -2.27 -8.54 -12.93
CA PHE A 362 -2.30 -9.75 -13.73
C PHE A 362 -1.06 -9.89 -14.61
N LYS A 363 -0.37 -8.80 -14.92
CA LYS A 363 0.94 -8.93 -15.57
C LYS A 363 1.91 -9.66 -14.68
N ILE A 364 1.93 -9.34 -13.38
CA ILE A 364 2.80 -10.03 -12.45
C ILE A 364 2.33 -11.47 -12.24
N ILE A 365 1.01 -11.68 -12.16
CA ILE A 365 0.49 -13.03 -11.96
C ILE A 365 0.89 -13.94 -13.12
N ASP A 366 0.79 -13.43 -14.35
CA ASP A 366 1.00 -14.29 -15.51
C ASP A 366 2.48 -14.61 -15.74
N ASN A 367 3.38 -13.90 -15.05
CA ASN A 367 4.81 -14.13 -15.22
C ASN A 367 5.18 -15.54 -14.77
N LYS A 368 6.15 -16.15 -15.45
CA LYS A 368 6.58 -17.50 -15.13
C LYS A 368 8.07 -17.52 -14.84
N PRO A 369 8.48 -17.91 -13.62
CA PRO A 369 9.92 -17.93 -13.29
C PRO A 369 10.68 -18.92 -14.15
N SER A 370 11.95 -18.60 -14.40
CA SER A 370 12.86 -19.52 -15.08
C SER A 370 13.30 -20.63 -14.13
N ILE A 371 13.59 -20.26 -12.88
CA ILE A 371 13.90 -21.22 -11.82
C ILE A 371 12.68 -21.30 -10.92
N ASP A 372 11.91 -22.37 -11.05
CA ASP A 372 10.64 -22.52 -10.36
C ASP A 372 10.85 -23.29 -9.06
N SER A 373 10.56 -22.64 -7.94
CA SER A 373 10.66 -23.26 -6.63
C SER A 373 9.36 -23.92 -6.18
N PHE A 374 8.30 -23.81 -6.99
CA PHE A 374 7.04 -24.50 -6.72
C PHE A 374 6.80 -25.66 -7.66
N SER A 375 7.71 -25.92 -8.60
CA SER A 375 7.57 -27.02 -9.55
C SER A 375 7.81 -28.32 -8.81
N LYS A 376 7.04 -29.36 -9.15
CA LYS A 376 7.19 -30.67 -8.56
C LYS A 376 8.10 -31.58 -9.37
N SER A 377 8.54 -31.17 -10.55
CA SER A 377 9.29 -32.03 -11.46
C SER A 377 10.79 -31.74 -11.31
N GLY A 378 11.50 -32.70 -10.71
CA GLY A 378 12.93 -32.65 -10.58
C GLY A 378 13.42 -33.87 -9.82
N HIS A 379 14.73 -34.10 -9.90
CA HIS A 379 15.35 -35.21 -9.19
C HIS A 379 15.39 -34.90 -7.70
N LYS A 380 15.03 -35.88 -6.87
CA LYS A 380 15.04 -35.75 -5.41
C LYS A 380 15.78 -36.96 -4.85
N PRO A 381 17.11 -36.94 -4.88
CA PRO A 381 17.88 -38.12 -4.44
C PRO A 381 17.58 -38.48 -2.99
N ASP A 382 17.45 -39.78 -2.74
CA ASP A 382 17.20 -40.26 -1.39
C ASP A 382 18.47 -40.23 -0.55
N ASN A 383 19.61 -40.55 -1.15
CA ASN A 383 20.90 -40.49 -0.50
C ASN A 383 21.74 -39.40 -1.16
N ILE A 384 22.28 -38.46 -0.37
CA ILE A 384 23.12 -37.35 -0.90
C ILE A 384 24.40 -37.31 -0.09
N GLN A 385 25.52 -37.38 -0.77
CA GLN A 385 26.80 -37.18 -0.05
C GLN A 385 27.14 -35.69 -0.17
N GLY A 386 28.38 -35.29 0.07
CA GLY A 386 28.74 -33.86 0.08
C GLY A 386 29.66 -33.39 -1.04
N ASN A 387 29.67 -34.05 -2.19
CA ASN A 387 30.62 -33.64 -3.23
C ASN A 387 30.05 -32.46 -4.01
N LEU A 388 30.76 -31.32 -4.00
CA LEU A 388 30.34 -30.13 -4.78
C LEU A 388 31.26 -30.03 -6.00
N GLU A 389 30.75 -29.52 -7.14
CA GLU A 389 31.57 -29.34 -8.33
C GLU A 389 31.22 -28.03 -9.00
N PHE A 390 32.24 -27.19 -9.21
CA PHE A 390 32.12 -25.94 -9.93
C PHE A 390 33.07 -25.98 -11.12
N LYS A 391 32.52 -26.22 -12.31
CA LYS A 391 33.32 -26.35 -13.52
C LYS A 391 33.09 -25.16 -14.43
N ASN A 392 34.17 -24.44 -14.74
CA ASN A 392 34.16 -23.37 -15.75
C ASN A 392 33.02 -22.40 -15.51
N ILE A 393 32.91 -21.94 -14.27
CA ILE A 393 31.79 -21.08 -13.87
C ILE A 393 32.06 -19.67 -14.38
N HIS A 394 31.31 -19.24 -15.38
CA HIS A 394 31.27 -17.85 -15.82
C HIS A 394 29.91 -17.30 -15.40
N PHE A 395 29.92 -16.15 -14.73
CA PHE A 395 28.65 -15.59 -14.27
C PHE A 395 28.73 -14.08 -14.19
N SER A 396 27.63 -13.44 -14.58
CA SER A 396 27.44 -12.01 -14.37
C SER A 396 26.02 -11.79 -13.88
N TYR A 397 25.85 -10.86 -12.95
CA TYR A 397 24.54 -10.64 -12.37
C TYR A 397 23.60 -10.02 -13.40
N PRO A 398 22.29 -10.31 -13.30
CA PRO A 398 21.35 -9.77 -14.29
C PRO A 398 21.32 -8.25 -14.34
N SER A 399 21.51 -7.58 -13.20
CA SER A 399 21.43 -6.13 -13.18
C SER A 399 22.61 -5.49 -13.88
N ARG A 400 23.79 -6.13 -13.80
CA ARG A 400 25.01 -5.62 -14.43
C ARG A 400 25.57 -6.74 -15.32
N LYS A 401 25.06 -6.81 -16.55
CA LYS A 401 25.53 -7.82 -17.49
C LYS A 401 26.90 -7.50 -18.06
N GLU A 402 27.26 -6.22 -18.18
CA GLU A 402 28.55 -5.85 -18.74
C GLU A 402 29.69 -6.35 -17.85
N VAL A 403 29.54 -6.20 -16.53
CA VAL A 403 30.59 -6.57 -15.58
C VAL A 403 30.57 -8.07 -15.37
N GLN A 404 31.76 -8.68 -15.45
CA GLN A 404 31.92 -10.11 -15.20
C GLN A 404 32.38 -10.29 -13.76
N ILE A 405 31.77 -11.26 -13.06
CA ILE A 405 32.11 -11.53 -11.67
C ILE A 405 32.97 -12.77 -11.61
N LEU A 406 32.50 -13.87 -12.17
CA LEU A 406 33.22 -15.14 -12.18
C LEU A 406 33.61 -15.48 -13.61
N LYS A 407 34.84 -15.98 -13.78
CA LYS A 407 35.34 -16.35 -15.10
C LYS A 407 36.18 -17.61 -14.97
N GLY A 408 35.62 -18.74 -15.39
CA GLY A 408 36.32 -20.01 -15.30
C GLY A 408 36.57 -20.49 -13.89
N LEU A 409 35.58 -20.33 -13.01
CA LEU A 409 35.73 -20.76 -11.64
C LEU A 409 35.67 -22.29 -11.55
N ASN A 410 36.65 -22.88 -10.88
CA ASN A 410 36.72 -24.32 -10.69
C ASN A 410 36.88 -24.61 -9.21
N LEU A 411 36.08 -25.53 -8.68
CA LEU A 411 36.17 -25.90 -7.27
C LEU A 411 35.61 -27.30 -7.04
N LYS A 412 36.38 -28.13 -6.35
CA LYS A 412 35.94 -29.48 -5.96
C LYS A 412 35.91 -29.56 -4.44
N VAL A 413 34.77 -29.94 -3.90
CA VAL A 413 34.62 -29.99 -2.42
C VAL A 413 34.17 -31.41 -2.17
N LYS A 414 34.98 -32.17 -1.48
CA LYS A 414 34.64 -33.59 -1.25
C LYS A 414 33.78 -33.64 0.00
N SER A 415 33.37 -34.81 0.44
CA SER A 415 32.42 -34.86 1.56
C SER A 415 33.11 -34.71 2.91
N GLY A 416 32.36 -34.39 3.95
CA GLY A 416 32.88 -34.18 5.28
C GLY A 416 34.00 -33.16 5.37
N GLN A 417 34.29 -32.44 4.30
CA GLN A 417 35.41 -31.52 4.26
C GLN A 417 34.92 -30.09 4.42
N THR A 418 35.78 -29.24 4.96
CA THR A 418 35.53 -27.80 5.07
C THR A 418 36.44 -27.08 4.07
N VAL A 419 35.81 -26.32 3.18
CA VAL A 419 36.54 -25.51 2.21
C VAL A 419 36.25 -24.05 2.51
N ALA A 420 37.29 -23.31 2.86
CA ALA A 420 37.20 -21.90 3.21
C ALA A 420 37.47 -21.06 1.97
N LEU A 421 36.78 -19.92 1.88
CA LEU A 421 36.94 -18.99 0.78
C LEU A 421 37.53 -17.70 1.32
N VAL A 422 38.68 -17.30 0.78
CA VAL A 422 39.36 -16.09 1.21
C VAL A 422 39.68 -15.25 -0.01
N GLY A 423 39.96 -13.99 0.22
CA GLY A 423 40.29 -13.07 -0.84
C GLY A 423 39.88 -11.67 -0.47
N ASN A 424 40.09 -10.75 -1.42
CA ASN A 424 39.70 -9.37 -1.23
C ASN A 424 38.17 -9.25 -1.32
N SER A 425 37.65 -8.20 -0.67
CA SER A 425 36.22 -7.95 -0.73
C SER A 425 35.78 -7.65 -2.16
N GLY A 426 34.62 -8.17 -2.52
CA GLY A 426 34.10 -8.01 -3.86
C GLY A 426 34.62 -9.00 -4.86
N GLY A 427 35.31 -10.06 -4.41
CA GLY A 427 35.89 -11.02 -5.33
C GLY A 427 34.92 -12.02 -5.92
N GLY A 428 33.86 -12.35 -5.20
CA GLY A 428 32.88 -13.30 -5.70
C GLY A 428 32.68 -14.54 -4.86
N LYS A 429 32.89 -14.45 -3.54
CA LYS A 429 32.68 -15.62 -2.69
C LYS A 429 31.21 -15.78 -2.33
N SER A 430 30.57 -14.70 -1.92
CA SER A 430 29.12 -14.73 -1.70
C SER A 430 28.38 -15.08 -2.99
N THR A 431 28.93 -14.66 -4.13
CA THR A 431 28.34 -15.04 -5.41
C THR A 431 28.37 -16.55 -5.60
N THR A 432 29.48 -17.19 -5.25
CA THR A 432 29.57 -18.64 -5.36
C THR A 432 28.59 -19.32 -4.41
N VAL A 433 28.49 -18.80 -3.18
CA VAL A 433 27.53 -19.36 -2.22
C VAL A 433 26.10 -19.23 -2.74
N GLN A 434 25.79 -18.11 -3.39
CA GLN A 434 24.46 -17.92 -3.96
C GLN A 434 24.21 -18.86 -5.14
N LEU A 435 25.24 -19.07 -5.97
CA LEU A 435 25.11 -20.03 -7.06
C LEU A 435 24.89 -21.44 -6.52
N MET A 436 25.44 -21.74 -5.34
CA MET A 436 25.20 -23.05 -4.73
C MET A 436 23.73 -23.28 -4.43
N GLN A 437 23.03 -22.25 -3.95
CA GLN A 437 21.60 -22.36 -3.67
C GLN A 437 20.75 -22.28 -4.92
N ARG A 438 21.35 -22.01 -6.08
CA ARG A 438 20.64 -21.86 -7.34
C ARG A 438 19.69 -20.66 -7.27
N LEU A 439 20.17 -19.57 -6.68
CA LEU A 439 19.47 -18.30 -6.81
C LEU A 439 19.68 -17.70 -8.19
N TYR A 440 20.80 -18.02 -8.83
CA TYR A 440 21.11 -17.60 -10.18
C TYR A 440 21.62 -18.81 -10.96
N ASP A 441 21.35 -18.81 -12.26
CA ASP A 441 21.87 -19.86 -13.13
C ASP A 441 23.23 -19.44 -13.67
N PRO A 442 24.27 -20.26 -13.54
CA PRO A 442 25.57 -19.90 -14.12
C PRO A 442 25.47 -19.79 -15.63
N LEU A 443 26.07 -18.73 -16.17
CA LEU A 443 26.03 -18.52 -17.61
C LEU A 443 26.78 -19.61 -18.35
N ASP A 444 28.00 -19.92 -17.91
CA ASP A 444 28.81 -20.95 -18.52
C ASP A 444 29.26 -21.91 -17.42
N GLY A 445 29.39 -23.17 -17.78
CA GLY A 445 29.75 -24.22 -16.82
C GLY A 445 28.54 -24.66 -16.01
N MET A 446 28.79 -25.62 -15.13
CA MET A 446 27.73 -26.21 -14.33
C MET A 446 28.15 -26.35 -12.88
N VAL A 447 27.21 -26.09 -11.97
CA VAL A 447 27.36 -26.40 -10.56
C VAL A 447 26.62 -27.70 -10.32
N SER A 448 27.30 -28.69 -9.74
CA SER A 448 26.73 -30.03 -9.63
C SER A 448 27.02 -30.64 -8.26
N ILE A 449 26.15 -31.56 -7.86
CA ILE A 449 26.33 -32.38 -6.66
C ILE A 449 26.30 -33.84 -7.08
N ASP A 450 27.30 -34.63 -6.67
CA ASP A 450 27.41 -36.05 -7.09
C ASP A 450 27.32 -36.17 -8.61
N GLY A 451 28.03 -35.30 -9.33
CA GLY A 451 28.03 -35.39 -10.78
C GLY A 451 26.71 -35.05 -11.44
N GLN A 452 25.70 -34.68 -10.67
CA GLN A 452 24.38 -34.34 -11.19
C GLN A 452 24.23 -32.83 -11.17
N ASP A 453 23.91 -32.26 -12.35
CA ASP A 453 23.69 -30.83 -12.44
C ASP A 453 22.56 -30.42 -11.50
N ILE A 454 22.78 -29.36 -10.73
CA ILE A 454 21.77 -28.92 -9.77
C ILE A 454 20.54 -28.38 -10.49
N ARG A 455 20.65 -28.15 -11.80
CA ARG A 455 19.47 -27.83 -12.60
C ARG A 455 18.48 -28.99 -12.60
N THR A 456 18.99 -30.22 -12.66
CA THR A 456 18.11 -31.38 -12.71
C THR A 456 17.40 -31.61 -11.38
N ILE A 457 18.10 -31.40 -10.26
CA ILE A 457 17.49 -31.58 -8.95
C ILE A 457 16.40 -30.53 -8.73
N ASN A 458 15.32 -30.96 -8.08
CA ASN A 458 14.21 -30.07 -7.75
C ASN A 458 14.71 -28.90 -6.90
N VAL A 459 14.20 -27.71 -7.19
CA VAL A 459 14.72 -26.49 -6.56
C VAL A 459 14.44 -26.50 -5.06
N ARG A 460 13.20 -26.82 -4.68
CA ARG A 460 12.84 -26.84 -3.27
C ARG A 460 13.63 -27.89 -2.51
N TYR A 461 13.77 -29.08 -3.08
CA TYR A 461 14.55 -30.14 -2.44
C TYR A 461 16.02 -29.73 -2.30
N LEU A 462 16.57 -29.09 -3.33
CA LEU A 462 17.96 -28.66 -3.27
C LEU A 462 18.17 -27.62 -2.19
N ARG A 463 17.25 -26.65 -2.10
CA ARG A 463 17.41 -25.59 -1.10
C ARG A 463 17.08 -26.08 0.31
N GLU A 464 16.32 -27.18 0.42
CA GLU A 464 15.99 -27.72 1.72
C GLU A 464 17.14 -28.49 2.36
N ILE A 465 18.04 -29.08 1.57
CA ILE A 465 19.13 -29.88 2.12
C ILE A 465 20.38 -29.06 2.38
N ILE A 466 20.32 -27.74 2.21
CA ILE A 466 21.46 -26.86 2.46
C ILE A 466 21.05 -25.83 3.49
N GLY A 467 21.91 -25.62 4.48
CA GLY A 467 21.73 -24.56 5.46
C GLY A 467 22.62 -23.39 5.13
N VAL A 468 22.12 -22.16 5.32
CA VAL A 468 22.79 -20.95 4.84
C VAL A 468 22.80 -19.92 5.96
N VAL A 469 23.96 -19.29 6.17
CA VAL A 469 24.07 -18.08 6.98
C VAL A 469 24.56 -16.97 6.05
N SER A 470 23.75 -15.92 5.90
CA SER A 470 24.10 -14.83 5.01
C SER A 470 25.11 -13.88 5.68
N GLN A 471 25.66 -12.97 4.87
CA GLN A 471 26.80 -12.17 5.33
C GLN A 471 26.39 -11.24 6.48
N GLU A 472 25.31 -10.50 6.31
CA GLU A 472 24.69 -9.78 7.42
C GLU A 472 23.33 -10.44 7.66
N PRO A 473 23.24 -11.38 8.59
CA PRO A 473 22.02 -12.16 8.73
C PRO A 473 20.85 -11.28 9.14
N VAL A 474 19.66 -11.66 8.67
CA VAL A 474 18.44 -10.91 8.93
C VAL A 474 17.39 -11.85 9.52
N LEU A 475 16.79 -11.45 10.62
CA LEU A 475 15.70 -12.17 11.24
C LEU A 475 14.38 -11.50 10.89
N PHE A 476 13.29 -12.07 11.38
CA PHE A 476 11.95 -11.56 11.13
C PHE A 476 11.36 -10.99 12.42
N ALA A 477 10.32 -10.18 12.26
CA ALA A 477 9.66 -9.52 13.38
C ALA A 477 8.74 -10.49 14.12
N THR A 478 9.37 -11.45 14.81
CA THR A 478 8.66 -12.41 15.62
C THR A 478 9.51 -12.82 16.81
N THR A 479 9.15 -13.89 17.50
CA THR A 479 9.92 -14.33 18.65
C THR A 479 11.21 -15.01 18.21
N ILE A 480 12.12 -15.19 19.16
CA ILE A 480 13.37 -15.90 18.88
C ILE A 480 13.06 -17.35 18.50
N ALA A 481 12.17 -17.99 19.24
CA ALA A 481 11.83 -19.38 18.96
C ALA A 481 11.18 -19.52 17.59
N GLU A 482 10.29 -18.59 17.23
CA GLU A 482 9.68 -18.61 15.91
C GLU A 482 10.71 -18.38 14.82
N ASN A 483 11.66 -17.47 15.05
CA ASN A 483 12.72 -17.22 14.08
C ASN A 483 13.57 -18.45 13.85
N ILE A 484 13.93 -19.17 14.91
CA ILE A 484 14.69 -20.40 14.75
C ILE A 484 13.84 -21.47 14.08
N ARG A 485 12.54 -21.50 14.38
CA ARG A 485 11.64 -22.49 13.81
C ARG A 485 11.44 -22.30 12.31
N TYR A 486 11.83 -21.14 11.77
CA TYR A 486 11.76 -20.95 10.32
C TYR A 486 12.73 -21.86 9.58
N GLY A 487 13.86 -22.20 10.19
CA GLY A 487 14.82 -23.08 9.53
C GLY A 487 14.25 -24.46 9.26
N ARG A 488 13.51 -25.01 10.21
CA ARG A 488 12.82 -26.28 10.02
C ARG A 488 11.55 -26.26 10.85
N GLU A 489 10.41 -26.56 10.21
CA GLU A 489 9.12 -26.34 10.84
C GLU A 489 8.91 -27.32 12.00
N ASP A 490 9.16 -28.60 11.77
CA ASP A 490 8.90 -29.64 12.78
C ASP A 490 10.14 -29.82 13.66
N VAL A 491 10.39 -28.82 14.49
CA VAL A 491 11.47 -28.86 15.46
C VAL A 491 10.87 -28.73 16.86
N THR A 492 11.34 -29.58 17.77
CA THR A 492 10.92 -29.51 19.16
C THR A 492 11.76 -28.49 19.92
N MET A 493 11.33 -28.17 21.13
CA MET A 493 12.07 -27.20 21.94
C MET A 493 13.44 -27.74 22.33
N ASP A 494 13.56 -29.08 22.44
CA ASP A 494 14.86 -29.67 22.76
C ASP A 494 15.86 -29.44 21.63
N GLU A 495 15.43 -29.65 20.38
CA GLU A 495 16.33 -29.41 19.25
C GLU A 495 16.68 -27.94 19.11
N ILE A 496 15.71 -27.06 19.35
CA ILE A 496 15.98 -25.63 19.32
C ILE A 496 17.02 -25.26 20.36
N GLU A 497 16.86 -25.78 21.58
CA GLU A 497 17.80 -25.49 22.65
C GLU A 497 19.19 -26.07 22.33
N LYS A 498 19.23 -27.26 21.73
CA LYS A 498 20.52 -27.85 21.36
C LYS A 498 21.24 -27.00 20.32
N ALA A 499 20.51 -26.55 19.29
CA ALA A 499 21.10 -25.70 18.28
C ALA A 499 21.57 -24.37 18.87
N VAL A 500 20.78 -23.82 19.80
CA VAL A 500 21.15 -22.57 20.44
C VAL A 500 22.42 -22.75 21.27
N LYS A 501 22.52 -23.87 22.00
CA LYS A 501 23.75 -24.17 22.74
C LYS A 501 24.94 -24.28 21.80
N GLU A 502 24.78 -25.00 20.69
CA GLU A 502 25.86 -25.15 19.73
C GLU A 502 26.22 -23.84 19.06
N ALA A 503 25.30 -22.88 19.00
CA ALA A 503 25.55 -21.59 18.38
C ALA A 503 26.05 -20.55 19.38
N ASN A 504 26.20 -20.91 20.65
CA ASN A 504 26.66 -19.99 21.70
C ASN A 504 25.68 -18.82 21.86
N ALA A 505 24.40 -19.16 21.97
CA ALA A 505 23.35 -18.18 22.16
C ALA A 505 22.50 -18.43 23.39
N TYR A 506 22.74 -19.52 24.11
CA TYR A 506 21.89 -19.90 25.24
C TYR A 506 21.88 -18.83 26.32
N ASP A 507 23.05 -18.30 26.66
CA ASP A 507 23.18 -17.49 27.86
C ASP A 507 22.40 -16.19 27.75
N PHE A 508 22.54 -15.48 26.63
CA PHE A 508 21.84 -14.21 26.49
C PHE A 508 20.34 -14.43 26.32
N ILE A 509 19.95 -15.54 25.70
CA ILE A 509 18.53 -15.82 25.53
C ILE A 509 17.87 -16.06 26.88
N MET A 510 18.46 -16.92 27.72
CA MET A 510 17.84 -17.19 29.01
C MET A 510 18.05 -16.04 29.99
N LYS A 511 19.03 -15.18 29.74
CA LYS A 511 19.17 -13.99 30.56
C LYS A 511 18.03 -12.99 30.32
N LEU A 512 17.39 -13.02 29.13
CA LEU A 512 16.24 -12.20 28.77
C LEU A 512 14.97 -12.71 29.43
N PRO A 513 14.13 -11.81 29.94
CA PRO A 513 12.75 -12.19 30.21
C PRO A 513 12.05 -12.57 28.91
N HIS A 514 11.10 -13.50 29.01
CA HIS A 514 10.46 -14.11 27.84
C HIS A 514 11.52 -14.75 26.94
N GLN A 515 12.16 -15.77 27.50
CA GLN A 515 13.44 -16.25 26.98
C GLN A 515 13.40 -16.50 25.48
N PHE A 516 12.62 -17.50 25.07
CA PHE A 516 12.45 -17.79 23.65
C PHE A 516 11.24 -17.09 23.06
N ASP A 517 10.49 -16.35 23.88
CA ASP A 517 9.33 -15.60 23.42
C ASP A 517 9.61 -14.11 23.34
N THR A 518 10.86 -13.69 23.51
CA THR A 518 11.19 -12.27 23.38
C THR A 518 10.97 -11.81 21.95
N LEU A 519 10.31 -10.67 21.81
CA LEU A 519 10.04 -10.10 20.49
C LEU A 519 11.28 -9.34 20.02
N VAL A 520 11.82 -9.75 18.90
CA VAL A 520 12.89 -9.01 18.23
C VAL A 520 12.25 -8.08 17.21
N GLY A 521 12.95 -7.02 16.85
CA GLY A 521 12.41 -6.05 15.93
C GLY A 521 12.38 -6.59 14.52
N GLU A 522 11.90 -5.75 13.62
CA GLU A 522 11.97 -6.07 12.21
C GLU A 522 13.42 -6.05 11.74
N ARG A 523 13.77 -7.05 10.92
CA ARG A 523 15.15 -7.29 10.51
C ARG A 523 16.04 -7.61 11.71
N GLY A 524 15.41 -8.07 12.78
CA GLY A 524 16.16 -8.43 13.99
C GLY A 524 16.89 -7.25 14.60
N ALA A 525 16.30 -6.06 14.52
CA ALA A 525 17.00 -4.85 14.91
C ALA A 525 16.97 -4.58 16.41
N GLN A 526 16.21 -5.36 17.18
CA GLN A 526 16.17 -5.18 18.63
C GLN A 526 17.14 -6.12 19.34
N LEU A 527 17.92 -6.90 18.59
CA LEU A 527 19.06 -7.61 19.12
C LEU A 527 20.33 -6.94 18.64
N SER A 528 21.44 -7.24 19.30
CA SER A 528 22.73 -6.75 18.83
C SER A 528 23.19 -7.58 17.64
N GLY A 529 24.22 -7.09 16.95
CA GLY A 529 24.71 -7.78 15.77
C GLY A 529 25.17 -9.18 16.06
N GLY A 530 25.93 -9.35 17.14
CA GLY A 530 26.41 -10.68 17.50
C GLY A 530 25.29 -11.62 17.90
N GLN A 531 24.33 -11.11 18.69
CA GLN A 531 23.18 -11.93 19.07
C GLN A 531 22.38 -12.34 17.86
N LYS A 532 22.16 -11.40 16.93
CA LYS A 532 21.45 -11.72 15.70
C LYS A 532 22.19 -12.79 14.89
N GLN A 533 23.51 -12.69 14.80
CA GLN A 533 24.31 -13.69 14.12
C GLN A 533 24.24 -15.05 14.78
N ARG A 534 24.26 -15.14 16.09
CA ARG A 534 24.12 -16.43 16.75
C ARG A 534 22.73 -16.98 16.50
N ILE A 535 21.68 -16.15 16.51
CA ILE A 535 20.33 -16.65 16.21
C ILE A 535 20.28 -17.21 14.80
N ALA A 536 20.89 -16.51 13.85
CA ALA A 536 20.91 -17.01 12.47
C ALA A 536 21.68 -18.32 12.35
N ILE A 537 22.81 -18.43 13.07
CA ILE A 537 23.58 -19.67 13.05
C ILE A 537 22.76 -20.82 13.61
N ALA A 538 22.03 -20.58 14.70
CA ALA A 538 21.15 -21.60 15.25
C ALA A 538 20.06 -21.97 14.26
N ARG A 539 19.51 -20.98 13.55
CA ARG A 539 18.49 -21.24 12.54
C ARG A 539 19.04 -22.13 11.43
N ALA A 540 20.28 -21.88 11.01
CA ALA A 540 20.88 -22.72 9.97
C ALA A 540 21.20 -24.11 10.49
N LEU A 541 21.58 -24.22 11.77
CA LEU A 541 21.95 -25.51 12.34
C LEU A 541 20.76 -26.39 12.66
N VAL A 542 19.59 -25.80 12.96
CA VAL A 542 18.46 -26.59 13.41
C VAL A 542 17.91 -27.44 12.28
N ARG A 543 18.21 -27.09 11.03
CA ARG A 543 17.71 -27.88 9.92
C ARG A 543 18.68 -28.96 9.47
N ASN A 544 19.57 -29.38 10.37
CA ASN A 544 20.54 -30.46 10.18
C ASN A 544 21.00 -30.61 8.71
N PRO A 545 21.65 -29.58 8.17
CA PRO A 545 21.89 -29.55 6.72
C PRO A 545 22.90 -30.60 6.28
N LYS A 546 22.77 -31.01 5.01
CA LYS A 546 23.80 -31.84 4.39
C LYS A 546 24.95 -30.99 3.88
N ILE A 547 24.65 -29.77 3.43
CA ILE A 547 25.67 -28.82 3.00
C ILE A 547 25.47 -27.54 3.80
N LEU A 548 26.51 -27.12 4.53
CA LEU A 548 26.46 -25.90 5.31
C LEU A 548 27.21 -24.80 4.59
N LEU A 549 26.61 -23.61 4.54
CA LEU A 549 27.21 -22.45 3.90
C LEU A 549 27.26 -21.34 4.94
N LEU A 550 28.45 -20.82 5.20
CA LEU A 550 28.67 -19.76 6.17
C LEU A 550 29.25 -18.57 5.41
N ASP A 551 28.59 -17.43 5.50
CA ASP A 551 29.05 -16.20 4.85
C ASP A 551 29.49 -15.25 5.96
N GLU A 552 30.74 -15.40 6.39
CA GLU A 552 31.30 -14.60 7.47
C GLU A 552 30.40 -14.63 8.71
N ALA A 553 30.18 -15.85 9.21
CA ALA A 553 29.22 -16.06 10.28
C ALA A 553 29.73 -15.58 11.63
N THR A 554 30.95 -15.07 11.70
CA THR A 554 31.54 -14.58 12.94
C THR A 554 31.95 -13.11 12.82
N SER A 555 31.31 -12.38 11.91
CA SER A 555 31.69 -11.00 11.64
C SER A 555 31.42 -10.09 12.83
N ALA A 556 30.29 -10.28 13.51
CA ALA A 556 29.90 -9.42 14.62
C ALA A 556 30.19 -10.04 15.98
N LEU A 557 30.95 -11.13 16.04
CA LEU A 557 31.19 -11.79 17.31
C LEU A 557 32.52 -11.35 17.91
N ASP A 558 32.57 -11.39 19.24
CA ASP A 558 33.82 -11.16 19.94
C ASP A 558 34.76 -12.35 19.73
N THR A 559 36.05 -12.13 20.01
CA THR A 559 37.04 -13.18 19.82
C THR A 559 36.73 -14.42 20.65
N GLU A 560 36.17 -14.22 21.85
CA GLU A 560 35.78 -15.36 22.68
C GLU A 560 34.54 -16.04 22.12
N SER A 561 33.53 -15.25 21.74
CA SER A 561 32.34 -15.82 21.12
C SER A 561 32.68 -16.52 19.82
N GLU A 562 33.55 -15.90 19.02
CA GLU A 562 33.98 -16.52 17.77
C GLU A 562 34.68 -17.84 18.01
N ALA A 563 35.57 -17.90 19.00
CA ALA A 563 36.27 -19.13 19.33
C ALA A 563 35.31 -20.22 19.77
N VAL A 564 34.36 -19.88 20.64
CA VAL A 564 33.38 -20.86 21.09
C VAL A 564 32.56 -21.38 19.93
N VAL A 565 32.09 -20.48 19.06
CA VAL A 565 31.25 -20.89 17.94
C VAL A 565 32.03 -21.78 16.98
N GLN A 566 33.26 -21.40 16.66
CA GLN A 566 34.05 -22.21 15.73
C GLN A 566 34.37 -23.58 16.33
N ALA A 567 34.67 -23.63 17.63
CA ALA A 567 34.89 -24.91 18.26
C ALA A 567 33.64 -25.79 18.19
N ALA A 568 32.48 -25.20 18.46
CA ALA A 568 31.23 -25.96 18.45
C ALA A 568 30.90 -26.51 17.06
N LEU A 569 31.11 -25.69 16.03
CA LEU A 569 30.92 -26.20 14.67
C LEU A 569 32.03 -27.16 14.26
N ASP A 570 33.16 -27.13 14.96
CA ASP A 570 34.20 -28.11 14.70
C ASP A 570 33.86 -29.47 15.28
N LYS A 571 33.15 -29.50 16.41
CA LYS A 571 32.80 -30.78 17.02
C LYS A 571 31.99 -31.66 16.08
N ALA A 572 31.03 -31.07 15.38
CA ALA A 572 30.18 -31.79 14.42
C ALA A 572 30.46 -31.23 13.03
N ARG A 573 31.45 -31.83 12.35
CA ARG A 573 31.87 -31.30 11.05
C ARG A 573 31.94 -32.38 9.97
N GLU A 574 32.19 -33.63 10.38
CA GLU A 574 32.42 -34.68 9.39
C GLU A 574 31.13 -35.10 8.71
N GLY A 575 30.00 -35.01 9.42
CA GLY A 575 28.75 -35.48 8.86
C GLY A 575 28.29 -34.67 7.66
N ARG A 576 28.62 -33.36 7.65
CA ARG A 576 28.15 -32.47 6.56
C ARG A 576 29.32 -31.65 5.98
N THR A 577 29.40 -31.56 4.65
CA THR A 577 30.45 -30.71 4.01
C THR A 577 30.14 -29.24 4.31
N THR A 578 31.16 -28.39 4.46
CA THR A 578 30.90 -26.98 4.88
C THR A 578 31.74 -25.98 4.09
N ILE A 579 31.10 -25.02 3.41
CA ILE A 579 31.82 -23.94 2.75
C ILE A 579 31.72 -22.72 3.65
N VAL A 580 32.84 -22.05 3.90
CA VAL A 580 32.89 -20.93 4.81
C VAL A 580 33.66 -19.79 4.14
N ILE A 581 33.12 -18.58 4.28
CA ILE A 581 33.76 -17.35 3.82
C ILE A 581 34.16 -16.56 5.05
N ALA A 582 35.40 -16.08 5.08
CA ALA A 582 35.87 -15.36 6.25
C ALA A 582 36.87 -14.29 5.86
N HIS A 583 36.81 -13.16 6.55
CA HIS A 583 37.90 -12.22 6.61
C HIS A 583 38.67 -12.32 7.92
N ARG A 584 38.16 -13.07 8.88
CA ARG A 584 38.88 -13.42 10.10
C ARG A 584 39.49 -14.80 9.84
N LEU A 585 40.78 -14.81 9.52
CA LEU A 585 41.44 -16.03 9.08
C LEU A 585 41.66 -17.04 10.19
N SER A 586 41.43 -16.67 11.44
CA SER A 586 41.57 -17.62 12.54
C SER A 586 40.60 -18.78 12.37
N THR A 587 39.37 -18.50 11.94
CA THR A 587 38.41 -19.56 11.65
C THR A 587 38.89 -20.43 10.49
N VAL A 588 39.61 -19.83 9.55
CA VAL A 588 40.11 -20.55 8.38
C VAL A 588 41.33 -21.40 8.72
N ARG A 589 42.01 -21.09 9.82
CA ARG A 589 43.27 -21.76 10.16
C ARG A 589 43.15 -23.28 10.13
N ASN A 590 42.05 -23.82 10.64
CA ASN A 590 41.89 -25.26 10.75
C ASN A 590 41.04 -25.87 9.62
N ALA A 591 40.71 -25.09 8.60
CA ALA A 591 39.90 -25.61 7.50
C ALA A 591 40.65 -26.69 6.75
N ASP A 592 39.89 -27.66 6.21
CA ASP A 592 40.52 -28.75 5.46
C ASP A 592 41.20 -28.25 4.20
N VAL A 593 40.50 -27.41 3.43
CA VAL A 593 41.06 -26.83 2.21
C VAL A 593 40.70 -25.35 2.18
N ILE A 594 41.65 -24.53 1.76
CA ILE A 594 41.46 -23.08 1.68
C ILE A 594 41.68 -22.64 0.24
N ALA A 595 40.74 -21.86 -0.29
CA ALA A 595 40.79 -21.39 -1.66
C ALA A 595 40.79 -19.86 -1.69
N GLY A 596 41.71 -19.31 -2.47
CA GLY A 596 41.88 -17.87 -2.57
C GLY A 596 41.33 -17.35 -3.90
N PHE A 597 40.67 -16.19 -3.83
CA PHE A 597 40.02 -15.57 -4.99
C PHE A 597 40.91 -14.48 -5.55
N ASP A 598 41.01 -14.43 -6.88
CA ASP A 598 41.74 -13.36 -7.55
C ASP A 598 41.22 -13.30 -8.99
N GLY A 599 40.61 -12.18 -9.35
CA GLY A 599 40.07 -12.00 -10.68
C GLY A 599 38.93 -12.94 -11.04
N GLY A 600 38.05 -13.23 -10.08
CA GLY A 600 36.90 -14.06 -10.35
C GLY A 600 37.19 -15.53 -10.49
N VAL A 601 38.41 -15.96 -10.22
CA VAL A 601 38.81 -17.36 -10.28
C VAL A 601 39.55 -17.69 -9.00
N ILE A 602 39.57 -18.98 -8.66
CA ILE A 602 40.32 -19.47 -7.52
C ILE A 602 41.75 -19.73 -7.97
N VAL A 603 42.69 -18.96 -7.42
CA VAL A 603 44.08 -19.04 -7.84
C VAL A 603 44.91 -19.96 -6.94
N GLU A 604 44.56 -20.06 -5.65
CA GLU A 604 45.30 -20.87 -4.70
C GLU A 604 44.33 -21.84 -4.05
N GLN A 605 44.76 -23.09 -3.87
CA GLN A 605 43.89 -24.12 -3.32
C GLN A 605 44.74 -25.13 -2.57
N GLY A 606 44.61 -25.14 -1.25
CA GLY A 606 45.33 -26.08 -0.42
C GLY A 606 45.12 -25.79 1.04
N ASN A 607 45.73 -26.63 1.86
CA ASN A 607 45.64 -26.47 3.30
C ASN A 607 46.44 -25.24 3.74
N HIS A 608 46.35 -24.93 5.04
CA HIS A 608 47.07 -23.78 5.57
C HIS A 608 48.57 -23.91 5.34
N ASP A 609 49.11 -25.12 5.51
CA ASP A 609 50.55 -25.32 5.41
C ASP A 609 51.05 -25.05 3.99
N GLU A 610 50.42 -25.65 3.00
CA GLU A 610 50.84 -25.43 1.61
C GLU A 610 50.68 -23.96 1.21
N LEU A 611 49.55 -23.35 1.60
CA LEU A 611 49.29 -21.97 1.19
C LEU A 611 50.29 -21.00 1.82
N MET A 612 50.66 -21.22 3.09
CA MET A 612 51.76 -20.44 3.66
C MET A 612 53.05 -20.71 2.93
N ARG A 613 53.31 -21.98 2.59
CA ARG A 613 54.49 -22.30 1.77
C ARG A 613 54.36 -21.73 0.37
N GLU A 614 53.15 -21.75 -0.19
CA GLU A 614 52.94 -21.28 -1.57
C GLU A 614 53.31 -19.83 -1.75
N LYS A 615 53.28 -19.02 -0.68
CA LYS A 615 53.68 -17.63 -0.72
C LYS A 615 52.82 -16.84 -1.71
N GLY A 616 51.51 -16.82 -1.43
CA GLY A 616 50.56 -16.18 -2.32
C GLY A 616 49.65 -15.17 -1.64
N ILE A 617 48.41 -15.05 -2.13
CA ILE A 617 47.50 -14.04 -1.59
C ILE A 617 47.10 -14.40 -0.16
N TYR A 618 46.93 -15.69 0.12
CA TYR A 618 46.60 -16.10 1.50
C TYR A 618 47.72 -15.73 2.45
N PHE A 619 48.97 -15.93 2.02
CA PHE A 619 50.11 -15.56 2.86
C PHE A 619 50.10 -14.06 3.16
N LYS A 620 49.82 -13.25 2.14
CA LYS A 620 49.77 -11.80 2.34
C LYS A 620 48.63 -11.41 3.27
N LEU A 621 47.47 -12.06 3.14
CA LEU A 621 46.34 -11.76 4.02
C LEU A 621 46.66 -12.11 5.46
N VAL A 622 47.30 -13.26 5.70
CA VAL A 622 47.67 -13.61 7.07
C VAL A 622 48.74 -12.68 7.62
N MET A 623 49.74 -12.34 6.80
CA MET A 623 50.87 -11.58 7.30
C MET A 623 50.55 -10.08 7.39
N THR A 624 49.43 -9.66 6.82
CA THR A 624 49.03 -8.27 6.91
C THR A 624 48.74 -7.91 8.36
N GLN A 625 49.27 -6.77 8.81
CA GLN A 625 49.06 -6.30 10.16
C GLN A 625 48.60 -4.84 10.17
N ALA A 683 -4.45 4.15 22.36
CA ALA A 683 -5.25 2.93 22.27
C ALA A 683 -6.50 3.18 21.43
N LEU A 684 -7.65 2.78 21.96
CA LEU A 684 -8.91 3.02 21.26
C LEU A 684 -9.20 4.52 21.17
N ASP A 685 -8.88 5.27 22.24
CA ASP A 685 -8.97 6.72 22.25
C ASP A 685 -10.40 7.20 21.99
N GLU A 686 -11.30 6.86 22.92
CA GLU A 686 -12.67 7.35 22.93
C GLU A 686 -13.42 7.04 21.64
N ASP A 687 -13.21 5.83 21.10
CA ASP A 687 -13.78 5.42 19.82
C ASP A 687 -13.37 6.45 18.77
N VAL A 688 -14.28 6.93 17.94
CA VAL A 688 -13.95 7.96 16.97
C VAL A 688 -14.64 9.27 17.36
N PRO A 689 -13.89 10.32 17.66
CA PRO A 689 -14.51 11.60 18.03
C PRO A 689 -15.34 12.15 16.88
N PRO A 690 -16.47 12.78 17.18
CA PRO A 690 -17.25 13.43 16.12
C PRO A 690 -16.52 14.66 15.59
N ALA A 691 -16.82 15.02 14.34
CA ALA A 691 -16.26 16.13 13.58
C ALA A 691 -14.81 15.88 13.19
N SER A 692 -14.33 14.64 13.24
CA SER A 692 -13.01 14.34 12.71
C SER A 692 -12.99 14.52 11.20
N PHE A 693 -14.00 13.99 10.51
CA PHE A 693 -14.14 14.26 9.08
C PHE A 693 -14.34 15.74 8.83
N TRP A 694 -15.08 16.41 9.72
CA TRP A 694 -15.20 17.86 9.62
C TRP A 694 -13.85 18.53 9.81
N ARG A 695 -13.00 17.99 10.68
CA ARG A 695 -11.67 18.56 10.87
C ARG A 695 -10.81 18.39 9.63
N ILE A 696 -10.91 17.24 8.97
CA ILE A 696 -10.21 17.04 7.70
C ILE A 696 -10.70 18.04 6.65
N LEU A 697 -12.02 18.20 6.53
CA LEU A 697 -12.54 19.14 5.55
C LEU A 697 -12.14 20.57 5.88
N LYS A 698 -12.06 20.90 7.18
CA LYS A 698 -11.62 22.23 7.59
C LYS A 698 -10.14 22.42 7.29
N LEU A 699 -9.37 21.33 7.25
CA LEU A 699 -8.00 21.40 6.77
C LEU A 699 -7.95 21.81 5.30
N ASN A 700 -9.00 21.48 4.55
CA ASN A 700 -9.13 21.89 3.15
C ASN A 700 -9.92 23.20 3.03
N SER A 701 -9.50 24.23 3.77
CA SER A 701 -10.22 25.49 3.79
C SER A 701 -9.71 26.49 2.76
N THR A 702 -8.53 26.26 2.19
CA THR A 702 -8.00 27.18 1.20
C THR A 702 -8.79 27.08 -0.10
N GLU A 703 -9.47 25.96 -0.32
CA GLU A 703 -10.27 25.75 -1.53
C GLU A 703 -11.74 26.12 -1.32
N TRP A 704 -12.00 27.30 -0.76
CA TRP A 704 -13.40 27.69 -0.57
C TRP A 704 -14.10 28.15 -1.85
N PRO A 705 -13.46 28.87 -2.79
CA PRO A 705 -14.18 29.15 -4.04
C PRO A 705 -14.58 27.90 -4.80
N TYR A 706 -13.72 26.87 -4.79
CA TYR A 706 -14.06 25.61 -5.41
C TYR A 706 -15.35 25.05 -4.82
N PHE A 707 -15.45 25.06 -3.49
CA PHE A 707 -16.62 24.46 -2.84
C PHE A 707 -17.87 25.30 -3.06
N VAL A 708 -17.77 26.62 -3.03
CA VAL A 708 -18.96 27.43 -3.22
C VAL A 708 -19.47 27.31 -4.66
N VAL A 709 -18.57 27.30 -5.64
CA VAL A 709 -18.97 27.07 -7.01
C VAL A 709 -19.59 25.69 -7.17
N GLY A 710 -18.98 24.68 -6.54
CA GLY A 710 -19.52 23.33 -6.64
C GLY A 710 -20.90 23.20 -6.05
N ILE A 711 -21.14 23.86 -4.92
CA ILE A 711 -22.45 23.74 -4.30
C ILE A 711 -23.51 24.51 -5.07
N PHE A 712 -23.17 25.66 -5.65
CA PHE A 712 -24.16 26.33 -6.51
C PHE A 712 -24.49 25.47 -7.73
N ALA A 713 -23.47 24.89 -8.36
CA ALA A 713 -23.75 24.01 -9.50
C ALA A 713 -24.56 22.80 -9.06
N ALA A 714 -24.27 22.26 -7.88
CA ALA A 714 -24.98 21.10 -7.38
C ALA A 714 -26.45 21.43 -7.10
N ILE A 715 -26.72 22.56 -6.46
CA ILE A 715 -28.12 22.89 -6.19
C ILE A 715 -28.86 23.15 -7.49
N ILE A 716 -28.21 23.82 -8.45
CA ILE A 716 -28.89 24.09 -9.72
C ILE A 716 -29.23 22.79 -10.43
N ASN A 717 -28.26 21.89 -10.59
CA ASN A 717 -28.54 20.70 -11.39
C ASN A 717 -29.36 19.67 -10.62
N GLY A 718 -29.36 19.74 -9.29
CA GLY A 718 -30.25 18.88 -8.51
C GLY A 718 -31.69 19.34 -8.57
N GLY A 719 -31.92 20.65 -8.44
CA GLY A 719 -33.27 21.17 -8.55
C GLY A 719 -33.81 21.23 -9.96
N LEU A 720 -32.93 21.09 -10.96
CA LEU A 720 -33.42 21.07 -12.33
C LEU A 720 -34.37 19.92 -12.59
N GLN A 721 -34.04 18.72 -12.09
CA GLN A 721 -34.81 17.53 -12.44
C GLN A 721 -36.28 17.63 -12.05
N PRO A 722 -36.66 18.02 -10.83
CA PRO A 722 -38.09 18.25 -10.57
C PRO A 722 -38.63 19.45 -11.33
N ALA A 723 -37.84 20.52 -11.43
CA ALA A 723 -38.24 21.66 -12.24
C ALA A 723 -38.40 21.28 -13.70
N PHE A 724 -37.49 20.42 -14.20
CA PHE A 724 -37.65 19.93 -15.56
C PHE A 724 -38.91 19.08 -15.68
N SER A 725 -39.27 18.34 -14.62
CA SER A 725 -40.50 17.56 -14.65
C SER A 725 -41.72 18.48 -14.77
N VAL A 726 -41.72 19.58 -14.02
CA VAL A 726 -42.81 20.55 -14.12
C VAL A 726 -42.87 21.16 -15.51
N ILE A 727 -41.70 21.52 -16.05
CA ILE A 727 -41.63 22.09 -17.40
C ILE A 727 -42.15 21.09 -18.42
N PHE A 728 -41.77 19.82 -18.27
CA PHE A 728 -42.24 18.76 -19.15
C PHE A 728 -43.75 18.61 -19.07
N SER A 729 -44.31 18.68 -17.86
CA SER A 729 -45.76 18.58 -17.71
C SER A 729 -46.46 19.73 -18.41
N LYS A 730 -45.95 20.95 -18.25
CA LYS A 730 -46.57 22.10 -18.91
C LYS A 730 -46.48 22.00 -20.42
N VAL A 731 -45.31 21.58 -20.92
CA VAL A 731 -45.13 21.46 -22.37
C VAL A 731 -46.04 20.37 -22.92
N VAL A 732 -46.20 19.27 -22.18
CA VAL A 732 -47.10 18.20 -22.59
C VAL A 732 -48.54 18.70 -22.61
N GLY A 733 -48.94 19.46 -21.60
CA GLY A 733 -50.27 20.02 -21.58
C GLY A 733 -50.55 20.93 -22.76
N VAL A 734 -49.56 21.72 -23.15
CA VAL A 734 -49.69 22.56 -24.33
C VAL A 734 -49.77 21.70 -25.59
N PHE A 735 -48.93 20.66 -25.67
CA PHE A 735 -48.84 19.82 -26.86
C PHE A 735 -50.14 19.07 -27.12
N THR A 736 -50.73 18.50 -26.06
CA THR A 736 -51.93 17.68 -26.24
C THR A 736 -53.13 18.53 -26.61
N ASN A 737 -53.20 19.75 -26.10
CA ASN A 737 -54.31 20.66 -26.40
C ASN A 737 -53.90 21.73 -27.40
N GLY A 738 -53.04 21.37 -28.34
CA GLY A 738 -52.61 22.34 -29.34
C GLY A 738 -53.77 22.77 -30.22
N GLY A 739 -53.71 24.02 -30.68
CA GLY A 739 -54.77 24.59 -31.48
C GLY A 739 -54.84 23.99 -32.86
N PRO A 740 -55.94 24.24 -33.56
CA PRO A 740 -56.11 23.70 -34.92
C PRO A 740 -55.04 24.14 -35.91
N PRO A 741 -54.48 25.36 -35.84
CA PRO A 741 -53.42 25.69 -36.80
C PRO A 741 -52.18 24.83 -36.59
N GLU A 742 -51.52 24.48 -37.69
CA GLU A 742 -50.24 23.79 -37.61
C GLU A 742 -49.08 24.77 -37.37
N THR A 743 -49.34 26.07 -37.56
CA THR A 743 -48.30 27.06 -37.36
C THR A 743 -47.81 27.08 -35.92
N GLN A 744 -48.71 26.79 -34.97
CA GLN A 744 -48.36 26.87 -33.53
C GLN A 744 -47.83 25.51 -33.05
N ARG A 745 -48.09 24.49 -33.86
CA ARG A 745 -47.51 23.18 -33.49
C ARG A 745 -45.99 23.40 -33.66
N GLN A 746 -45.60 24.10 -34.71
CA GLN A 746 -44.18 24.47 -34.94
C GLN A 746 -43.70 25.42 -33.84
N ASN A 747 -44.59 26.20 -33.25
CA ASN A 747 -44.27 27.03 -32.07
C ASN A 747 -43.91 26.14 -30.84
N SER A 748 -44.65 25.05 -30.66
CA SER A 748 -44.17 24.08 -29.63
C SER A 748 -42.84 23.43 -30.09
N ASN A 749 -42.60 23.35 -31.41
CA ASN A 749 -41.30 22.82 -31.91
C ASN A 749 -40.22 23.83 -31.55
N LEU A 750 -40.61 25.09 -31.36
CA LEU A 750 -39.63 26.14 -30.93
C LEU A 750 -39.34 25.91 -29.44
N PHE A 751 -40.31 25.37 -28.71
CA PHE A 751 -40.09 25.03 -27.27
C PHE A 751 -39.00 23.95 -27.19
N SER A 752 -38.98 23.03 -28.16
CA SER A 752 -37.95 21.97 -28.18
C SER A 752 -36.54 22.57 -28.06
N LEU A 753 -36.34 23.83 -28.47
CA LEU A 753 -35.03 24.45 -28.30
C LEU A 753 -34.74 24.77 -26.84
N LEU A 754 -35.79 25.03 -26.06
CA LEU A 754 -35.62 25.20 -24.62
C LEU A 754 -35.08 23.93 -23.99
N PHE A 755 -35.49 22.78 -24.51
CA PHE A 755 -34.92 21.52 -24.03
C PHE A 755 -33.43 21.39 -24.34
N LEU A 756 -32.98 21.83 -25.53
CA LEU A 756 -31.55 21.88 -25.81
C LEU A 756 -30.81 22.86 -24.91
N ILE A 757 -31.43 24.01 -24.63
CA ILE A 757 -30.83 24.97 -23.71
C ILE A 757 -30.67 24.34 -22.32
N LEU A 758 -31.69 23.63 -21.87
CA LEU A 758 -31.63 22.95 -20.58
C LEU A 758 -30.54 21.87 -20.59
N GLY A 759 -30.41 21.16 -21.70
CA GLY A 759 -29.35 20.17 -21.80
C GLY A 759 -27.97 20.78 -21.71
N ILE A 760 -27.75 21.89 -22.41
CA ILE A 760 -26.45 22.55 -22.37
C ILE A 760 -26.14 23.07 -20.98
N ILE A 761 -27.13 23.70 -20.34
CA ILE A 761 -26.89 24.26 -19.01
C ILE A 761 -26.68 23.15 -17.99
N SER A 762 -27.39 22.03 -18.14
CA SER A 762 -27.17 20.89 -17.26
C SER A 762 -25.78 20.30 -17.46
N PHE A 763 -25.31 20.22 -18.69
CA PHE A 763 -23.96 19.74 -18.96
C PHE A 763 -22.94 20.65 -18.28
N ILE A 764 -23.10 21.96 -18.43
CA ILE A 764 -22.17 22.90 -17.80
C ILE A 764 -22.18 22.73 -16.28
N THR A 765 -23.37 22.68 -15.69
CA THR A 765 -23.45 22.61 -14.23
C THR A 765 -22.90 21.29 -13.70
N PHE A 766 -23.22 20.17 -14.36
CA PHE A 766 -22.72 18.88 -13.92
C PHE A 766 -21.19 18.84 -14.00
N PHE A 767 -20.64 19.27 -15.14
CA PHE A 767 -19.19 19.29 -15.27
C PHE A 767 -18.57 20.18 -14.21
N LEU A 768 -19.15 21.36 -13.98
CA LEU A 768 -18.56 22.30 -13.05
C LEU A 768 -18.55 21.76 -11.63
N GLN A 769 -19.68 21.23 -11.16
CA GLN A 769 -19.75 20.72 -9.80
C GLN A 769 -18.85 19.50 -9.62
N GLY A 770 -18.89 18.57 -10.58
CA GLY A 770 -18.04 17.40 -10.48
C GLY A 770 -16.57 17.76 -10.47
N PHE A 771 -16.16 18.65 -11.39
CA PHE A 771 -14.76 19.02 -11.50
C PHE A 771 -14.28 19.74 -10.24
N THR A 772 -15.09 20.67 -9.74
CA THR A 772 -14.68 21.42 -8.55
C THR A 772 -14.52 20.50 -7.35
N PHE A 773 -15.51 19.64 -7.10
CA PHE A 773 -15.39 18.73 -5.95
C PHE A 773 -14.25 17.74 -6.15
N GLY A 774 -14.06 17.23 -7.36
CA GLY A 774 -12.97 16.30 -7.59
C GLY A 774 -11.60 16.92 -7.37
N LYS A 775 -11.41 18.14 -7.87
CA LYS A 775 -10.11 18.79 -7.70
C LYS A 775 -9.86 19.16 -6.24
N ALA A 776 -10.90 19.63 -5.54
CA ALA A 776 -10.73 19.90 -4.12
C ALA A 776 -10.37 18.64 -3.35
N GLY A 777 -11.04 17.53 -3.66
CA GLY A 777 -10.73 16.28 -3.00
C GLY A 777 -9.32 15.80 -3.31
N GLU A 778 -8.88 15.97 -4.56
CA GLU A 778 -7.51 15.59 -4.92
C GLU A 778 -6.47 16.40 -4.15
N ILE A 779 -6.66 17.72 -4.06
CA ILE A 779 -5.70 18.53 -3.34
C ILE A 779 -5.71 18.19 -1.86
N LEU A 780 -6.90 17.94 -1.29
CA LEU A 780 -6.98 17.53 0.10
C LEU A 780 -6.24 16.22 0.34
N THR A 781 -6.44 15.25 -0.55
CA THR A 781 -5.76 13.97 -0.41
C THR A 781 -4.24 14.13 -0.49
N LYS A 782 -3.78 14.95 -1.42
CA LYS A 782 -2.35 15.15 -1.57
C LYS A 782 -1.75 15.78 -0.32
N ARG A 783 -2.34 16.89 0.16
CA ARG A 783 -1.78 17.52 1.36
C ARG A 783 -1.93 16.60 2.55
N LEU A 784 -2.94 15.73 2.55
CA LEU A 784 -3.18 14.86 3.68
C LEU A 784 -2.10 13.79 3.79
N ARG A 785 -1.78 13.13 2.68
CA ARG A 785 -0.67 12.19 2.68
C ARG A 785 0.65 12.89 2.99
N TYR A 786 0.85 14.09 2.45
CA TYR A 786 2.07 14.83 2.72
C TYR A 786 2.22 15.09 4.22
N MET A 787 1.15 15.55 4.88
CA MET A 787 1.22 15.82 6.30
C MET A 787 1.43 14.55 7.11
N VAL A 788 0.76 13.45 6.73
CA VAL A 788 0.92 12.21 7.49
C VAL A 788 2.36 11.72 7.40
N PHE A 789 2.95 11.73 6.21
CA PHE A 789 4.33 11.28 6.06
C PHE A 789 5.30 12.21 6.77
N LYS A 790 5.05 13.52 6.70
CA LYS A 790 5.90 14.48 7.41
C LYS A 790 5.86 14.24 8.91
N SER A 791 4.68 13.94 9.45
CA SER A 791 4.57 13.63 10.87
C SER A 791 5.24 12.31 11.21
N MET A 792 5.15 11.33 10.31
CA MET A 792 5.83 10.06 10.54
C MET A 792 7.33 10.25 10.65
N LEU A 793 7.91 11.09 9.77
CA LEU A 793 9.35 11.30 9.82
C LEU A 793 9.77 12.07 11.06
N ARG A 794 8.82 12.71 11.74
CA ARG A 794 9.11 13.51 12.93
C ARG A 794 9.30 12.67 14.17
N GLN A 795 8.81 11.44 14.20
CA GLN A 795 8.70 10.70 15.44
C GLN A 795 10.05 10.19 15.92
N ASP A 796 10.11 9.82 17.19
CA ASP A 796 11.31 9.30 17.80
C ASP A 796 11.57 7.86 17.36
N VAL A 797 12.78 7.39 17.64
CA VAL A 797 13.12 6.01 17.31
C VAL A 797 12.32 5.04 18.18
N SER A 798 12.02 5.42 19.42
CA SER A 798 11.16 4.63 20.28
C SER A 798 9.77 4.41 19.69
N TRP A 799 9.33 5.28 18.79
CA TRP A 799 8.05 5.09 18.13
C TRP A 799 8.13 4.00 17.06
N PHE A 800 9.31 3.82 16.46
CA PHE A 800 9.47 2.83 15.41
C PHE A 800 9.71 1.44 15.98
N ASP A 801 10.24 1.36 17.19
CA ASP A 801 10.47 0.08 17.85
C ASP A 801 9.17 -0.55 18.35
N ASP A 802 8.09 0.22 18.40
CA ASP A 802 6.80 -0.33 18.80
C ASP A 802 6.36 -1.39 17.78
N PRO A 803 5.98 -2.58 18.23
CA PRO A 803 5.66 -3.65 17.27
C PRO A 803 4.48 -3.35 16.37
N LYS A 804 3.62 -2.39 16.72
CA LYS A 804 2.54 -2.03 15.82
C LYS A 804 3.01 -1.08 14.73
N ASN A 805 4.11 -0.36 14.97
CA ASN A 805 4.65 0.59 14.00
C ASN A 805 5.79 -0.03 13.18
N THR A 806 5.49 -1.16 12.54
CA THR A 806 6.47 -1.74 11.64
C THR A 806 6.42 -1.02 10.29
N THR A 807 7.38 -1.35 9.42
CA THR A 807 7.43 -0.69 8.12
C THR A 807 6.19 -0.99 7.29
N GLY A 808 5.79 -2.26 7.20
CA GLY A 808 4.59 -2.60 6.46
C GLY A 808 3.34 -1.99 7.05
N ALA A 809 3.23 -2.00 8.37
CA ALA A 809 2.11 -1.34 9.03
C ALA A 809 2.08 0.15 8.75
N LEU A 810 3.23 0.81 8.79
CA LEU A 810 3.28 2.25 8.52
C LEU A 810 2.89 2.55 7.08
N THR A 811 3.39 1.76 6.12
CA THR A 811 3.04 2.01 4.72
C THR A 811 1.55 1.77 4.48
N THR A 812 1.02 0.68 5.05
CA THR A 812 -0.40 0.40 4.91
C THR A 812 -1.26 1.49 5.53
N ARG A 813 -0.89 1.96 6.72
CA ARG A 813 -1.59 3.07 7.35
C ARG A 813 -1.54 4.32 6.50
N LEU A 814 -0.35 4.65 6.00
CA LEU A 814 -0.16 5.85 5.19
C LEU A 814 -1.05 5.83 3.95
N ALA A 815 -1.10 4.70 3.25
CA ALA A 815 -1.94 4.61 2.06
C ALA A 815 -3.42 4.60 2.43
N ASN A 816 -3.81 3.76 3.39
CA ASN A 816 -5.22 3.48 3.62
C ASN A 816 -5.93 4.64 4.30
N ASP A 817 -5.32 5.25 5.32
CA ASP A 817 -6.00 6.32 6.05
C ASP A 817 -6.38 7.46 5.13
N ALA A 818 -5.64 7.66 4.05
CA ALA A 818 -5.95 8.70 3.07
C ALA A 818 -6.81 8.19 1.92
N ALA A 819 -6.70 6.92 1.56
CA ALA A 819 -7.55 6.35 0.52
C ALA A 819 -8.98 6.12 1.00
N GLN A 820 -9.21 6.09 2.31
CA GLN A 820 -10.56 5.95 2.84
C GLN A 820 -11.27 7.27 3.01
N VAL A 821 -10.54 8.35 3.28
CA VAL A 821 -11.15 9.68 3.29
C VAL A 821 -11.55 10.08 1.87
N LYS A 822 -10.74 9.71 0.88
CA LYS A 822 -11.01 10.03 -0.52
C LYS A 822 -12.34 9.47 -0.99
N GLY A 823 -12.81 8.36 -0.41
CA GLY A 823 -14.07 7.77 -0.82
C GLY A 823 -15.30 8.45 -0.27
N ALA A 824 -15.14 9.50 0.52
CA ALA A 824 -16.27 10.23 1.08
C ALA A 824 -16.09 11.74 0.99
N THR A 825 -15.16 12.21 0.13
CA THR A 825 -14.90 13.63 0.01
C THR A 825 -14.83 14.12 -1.42
N GLY A 826 -14.97 13.25 -2.41
CA GLY A 826 -14.85 13.67 -3.80
C GLY A 826 -16.17 13.98 -4.45
N SER A 827 -16.63 13.08 -5.33
CA SER A 827 -17.92 13.28 -5.99
C SER A 827 -19.07 12.87 -5.08
N ARG A 828 -18.80 12.17 -3.98
CA ARG A 828 -19.88 11.71 -3.12
C ARG A 828 -20.47 12.85 -2.29
N LEU A 829 -19.62 13.77 -1.82
CA LEU A 829 -20.14 14.96 -1.17
C LEU A 829 -20.94 15.80 -2.15
N ALA A 830 -20.52 15.83 -3.41
CA ALA A 830 -21.25 16.56 -4.44
C ALA A 830 -22.63 15.97 -4.65
N VAL A 831 -22.75 14.64 -4.74
CA VAL A 831 -24.05 14.04 -4.96
C VAL A 831 -24.91 14.17 -3.72
N ILE A 832 -24.29 14.23 -2.54
CA ILE A 832 -25.06 14.53 -1.32
C ILE A 832 -25.71 15.90 -1.42
N PHE A 833 -24.92 16.92 -1.79
CA PHE A 833 -25.48 18.26 -1.93
C PHE A 833 -26.56 18.29 -3.01
N GLN A 834 -26.32 17.60 -4.13
CA GLN A 834 -27.30 17.55 -5.19
C GLN A 834 -28.60 16.91 -4.71
N ASN A 835 -28.51 15.84 -3.93
CA ASN A 835 -29.71 15.15 -3.47
C ASN A 835 -30.48 15.96 -2.44
N ILE A 836 -29.78 16.67 -1.55
CA ILE A 836 -30.50 17.49 -0.59
C ILE A 836 -31.18 18.65 -1.30
N ALA A 837 -30.52 19.22 -2.32
CA ALA A 837 -31.19 20.25 -3.12
C ALA A 837 -32.39 19.68 -3.86
N ASN A 838 -32.27 18.44 -4.35
CA ASN A 838 -33.39 17.78 -5.02
C ASN A 838 -34.57 17.62 -4.07
N LEU A 839 -34.29 17.17 -2.84
CA LEU A 839 -35.36 17.01 -1.86
C LEU A 839 -36.03 18.35 -1.57
N GLY A 840 -35.24 19.40 -1.37
CA GLY A 840 -35.83 20.71 -1.13
C GLY A 840 -36.67 21.21 -2.27
N THR A 841 -36.19 21.04 -3.50
CA THR A 841 -36.95 21.49 -4.67
C THR A 841 -38.25 20.71 -4.82
N GLY A 842 -38.19 19.38 -4.62
CA GLY A 842 -39.41 18.59 -4.70
C GLY A 842 -40.41 18.98 -3.64
N ILE A 843 -39.93 19.24 -2.41
CA ILE A 843 -40.82 19.67 -1.35
C ILE A 843 -41.46 21.01 -1.68
N ILE A 844 -40.67 21.96 -2.18
CA ILE A 844 -41.23 23.27 -2.52
C ILE A 844 -42.28 23.14 -3.61
N ILE A 845 -42.01 22.34 -4.64
CA ILE A 845 -42.99 22.12 -5.70
C ILE A 845 -44.25 21.49 -5.14
N SER A 846 -44.07 20.52 -4.23
CA SER A 846 -45.24 19.79 -3.67
C SER A 846 -46.17 20.76 -2.96
N LEU A 847 -45.63 21.62 -2.09
CA LEU A 847 -46.48 22.53 -1.28
C LEU A 847 -47.24 23.50 -2.21
N ILE A 848 -46.53 24.12 -3.16
CA ILE A 848 -47.19 25.15 -4.02
C ILE A 848 -48.24 24.52 -4.94
N TYR A 849 -47.88 23.45 -5.65
CA TYR A 849 -48.82 22.88 -6.65
C TYR A 849 -50.05 22.22 -6.02
N GLY A 850 -49.84 21.30 -5.06
CA GLY A 850 -50.96 20.58 -4.41
C GLY A 850 -50.89 20.75 -2.90
N TRP A 851 -51.69 20.01 -2.13
CA TRP A 851 -51.52 20.13 -0.66
C TRP A 851 -51.81 18.83 0.08
N GLN A 852 -51.15 18.61 1.24
CA GLN A 852 -51.43 17.44 2.12
C GLN A 852 -50.69 16.17 1.67
N LEU A 853 -50.02 16.20 0.52
CA LEU A 853 -49.19 15.03 0.12
C LEU A 853 -47.77 15.29 0.60
N THR A 854 -47.48 16.54 0.98
CA THR A 854 -46.15 16.91 1.54
C THR A 854 -45.97 16.17 2.86
N LEU A 855 -47.03 16.07 3.67
CA LEU A 855 -46.98 15.36 4.96
C LEU A 855 -46.44 13.94 4.73
N LEU A 856 -46.96 13.25 3.70
CA LEU A 856 -46.49 11.91 3.38
C LEU A 856 -45.01 11.91 3.01
N LEU A 857 -44.57 12.94 2.28
CA LEU A 857 -43.15 13.01 1.88
C LEU A 857 -42.26 13.26 3.08
N LEU A 858 -42.80 13.83 4.15
CA LEU A 858 -42.00 14.07 5.35
C LEU A 858 -42.10 12.90 6.33
N ALA A 859 -43.22 12.17 6.31
CA ALA A 859 -43.42 11.08 7.24
C ALA A 859 -42.63 9.84 6.83
N ILE A 860 -42.03 9.88 5.65
CA ILE A 860 -41.24 8.75 5.16
C ILE A 860 -39.75 8.90 5.40
N VAL A 861 -39.21 10.12 5.41
CA VAL A 861 -37.76 10.29 5.59
C VAL A 861 -37.22 9.59 6.83
N PRO A 862 -37.88 9.66 8.00
CA PRO A 862 -37.30 9.01 9.19
C PRO A 862 -37.04 7.52 9.03
N ILE A 863 -37.83 6.79 8.25
CA ILE A 863 -37.59 5.36 8.11
C ILE A 863 -36.32 5.09 7.29
N ILE A 864 -36.12 5.86 6.21
CA ILE A 864 -34.86 5.76 5.48
C ILE A 864 -33.69 6.17 6.36
N ALA A 865 -33.89 7.17 7.22
CA ALA A 865 -32.83 7.55 8.16
C ALA A 865 -32.52 6.40 9.12
N ILE A 866 -33.56 5.69 9.57
CA ILE A 866 -33.35 4.52 10.42
C ILE A 866 -32.56 3.44 9.72
N ALA A 867 -32.87 3.19 8.44
CA ALA A 867 -32.08 2.23 7.67
C ALA A 867 -30.62 2.66 7.57
N GLY A 868 -30.40 3.95 7.29
CA GLY A 868 -29.04 4.46 7.26
C GLY A 868 -28.31 4.26 8.58
N VAL A 869 -29.01 4.49 9.70
CA VAL A 869 -28.39 4.36 11.02
C VAL A 869 -28.02 2.91 11.30
N VAL A 870 -28.95 1.98 11.03
CA VAL A 870 -28.69 0.58 11.35
C VAL A 870 -27.58 0.04 10.45
N GLU A 871 -27.43 0.60 9.25
CA GLU A 871 -26.27 0.27 8.44
C GLU A 871 -24.99 0.85 9.02
N MET A 872 -25.03 2.13 9.40
CA MET A 872 -23.84 2.85 9.82
C MET A 872 -23.22 2.26 11.07
N LYS A 873 -24.04 1.73 11.98
CA LYS A 873 -23.49 1.12 13.18
C LYS A 873 -22.54 -0.02 12.85
N MET A 874 -23.03 -1.00 12.08
CA MET A 874 -22.22 -2.15 11.72
C MET A 874 -21.02 -1.72 10.89
N LEU A 875 -21.21 -0.76 9.99
CA LEU A 875 -20.10 -0.33 9.14
C LEU A 875 -19.02 0.37 9.95
N SER A 876 -19.42 1.15 10.95
CA SER A 876 -18.45 1.81 11.82
C SER A 876 -17.62 0.80 12.60
N GLY A 877 -18.27 -0.24 13.12
CA GLY A 877 -17.49 -1.27 13.81
C GLY A 877 -16.53 -1.99 12.88
N GLN A 878 -17.02 -2.39 11.71
CA GLN A 878 -16.19 -3.11 10.76
C GLN A 878 -15.05 -2.26 10.23
N ALA A 879 -15.21 -0.93 10.17
CA ALA A 879 -14.10 -0.09 9.69
C ALA A 879 -12.89 -0.20 10.61
N LEU A 880 -13.10 -0.06 11.92
CA LEU A 880 -12.00 -0.22 12.86
C LEU A 880 -11.40 -1.62 12.78
N LYS A 881 -12.25 -2.65 12.78
CA LYS A 881 -11.70 -4.01 12.77
C LYS A 881 -10.89 -4.25 11.50
N ASP A 882 -11.43 -3.85 10.35
CA ASP A 882 -10.77 -4.10 9.07
C ASP A 882 -9.46 -3.35 8.95
N LYS A 883 -9.43 -2.09 9.40
CA LYS A 883 -8.18 -1.33 9.34
C LYS A 883 -7.11 -1.98 10.23
N LYS A 884 -7.49 -2.34 11.46
CA LYS A 884 -6.53 -2.93 12.39
C LYS A 884 -5.96 -4.23 11.83
N GLU A 885 -6.81 -5.08 11.24
CA GLU A 885 -6.31 -6.35 10.72
C GLU A 885 -5.77 -6.26 9.30
N LEU A 886 -5.94 -5.13 8.63
CA LEU A 886 -5.31 -4.94 7.32
C LEU A 886 -3.88 -4.46 7.45
N GLU A 887 -3.60 -3.64 8.47
CA GLU A 887 -2.19 -3.34 8.74
C GLU A 887 -1.41 -4.60 9.09
N GLY A 888 -2.07 -5.58 9.71
CA GLY A 888 -1.39 -6.83 10.02
C GLY A 888 -0.97 -7.61 8.78
N SER A 889 -1.82 -7.61 7.75
CA SER A 889 -1.46 -8.28 6.50
C SER A 889 -0.42 -7.50 5.72
N GLY A 890 -0.51 -6.16 5.74
CA GLY A 890 0.52 -5.36 5.11
C GLY A 890 1.88 -5.58 5.72
N LYS A 891 1.91 -5.74 7.05
CA LYS A 891 3.16 -6.04 7.75
C LYS A 891 3.78 -7.33 7.23
N ILE A 892 2.98 -8.40 7.11
CA ILE A 892 3.49 -9.67 6.62
C ILE A 892 4.00 -9.53 5.20
N ALA A 893 3.23 -8.85 4.33
CA ALA A 893 3.62 -8.75 2.93
C ALA A 893 4.93 -7.99 2.78
N THR A 894 5.07 -6.86 3.47
CA THR A 894 6.30 -6.08 3.36
C THR A 894 7.48 -6.84 3.97
N GLU A 895 7.25 -7.52 5.10
CA GLU A 895 8.29 -8.31 5.74
C GLU A 895 8.81 -9.40 4.83
N ALA A 896 7.91 -10.06 4.10
CA ALA A 896 8.32 -11.10 3.15
C ALA A 896 9.01 -10.52 1.94
N ILE A 897 8.51 -9.40 1.41
CA ILE A 897 9.06 -8.85 0.17
C ILE A 897 10.46 -8.30 0.41
N GLU A 898 10.64 -7.52 1.48
CA GLU A 898 11.95 -6.90 1.73
C GLU A 898 13.02 -7.95 1.99
N ASN A 899 12.65 -9.05 2.64
CA ASN A 899 13.61 -10.07 3.04
C ASN A 899 13.52 -11.31 2.17
N PHE A 900 13.30 -11.13 0.86
CA PHE A 900 12.96 -12.25 -0.02
C PHE A 900 14.11 -13.24 -0.15
N ARG A 901 15.36 -12.77 -0.11
CA ARG A 901 16.48 -13.69 -0.24
C ARG A 901 16.56 -14.66 0.94
N THR A 902 16.36 -14.19 2.16
CA THR A 902 16.29 -15.07 3.31
C THR A 902 15.10 -16.03 3.21
N VAL A 903 13.95 -15.53 2.75
CA VAL A 903 12.76 -16.37 2.64
C VAL A 903 13.00 -17.50 1.65
N VAL A 904 13.62 -17.19 0.51
CA VAL A 904 13.93 -18.21 -0.48
C VAL A 904 14.97 -19.18 0.04
N SER A 905 16.00 -18.68 0.73
CA SER A 905 17.03 -19.55 1.28
C SER A 905 16.45 -20.52 2.29
N LEU A 906 15.51 -20.05 3.12
CA LEU A 906 14.87 -20.90 4.11
C LEU A 906 13.69 -21.69 3.56
N THR A 907 13.36 -21.52 2.28
CA THR A 907 12.23 -22.17 1.62
C THR A 907 10.91 -21.94 2.35
N ARG A 908 10.64 -20.70 2.76
CA ARG A 908 9.46 -20.38 3.55
C ARG A 908 8.41 -19.59 2.76
N GLU A 909 8.35 -19.78 1.44
CA GLU A 909 7.31 -19.11 0.66
C GLU A 909 5.92 -19.59 1.06
N GLN A 910 5.75 -20.91 1.22
CA GLN A 910 4.46 -21.47 1.58
C GLN A 910 4.01 -20.98 2.94
N LYS A 911 4.94 -20.90 3.91
CA LYS A 911 4.59 -20.42 5.24
C LYS A 911 4.11 -18.98 5.20
N PHE A 912 4.77 -18.13 4.43
CA PHE A 912 4.36 -16.74 4.33
C PHE A 912 3.06 -16.56 3.56
N GLU A 913 2.79 -17.39 2.56
CA GLU A 913 1.47 -17.40 1.94
C GLU A 913 0.38 -17.79 2.93
N THR A 914 0.65 -18.81 3.76
CA THR A 914 -0.32 -19.22 4.76
C THR A 914 -0.57 -18.11 5.77
N MET A 915 0.48 -17.43 6.22
CA MET A 915 0.32 -16.31 7.13
C MET A 915 -0.47 -15.18 6.48
N TYR A 916 -0.20 -14.90 5.20
CA TYR A 916 -0.93 -13.84 4.51
C TYR A 916 -2.41 -14.17 4.42
N ALA A 917 -2.74 -15.42 4.09
CA ALA A 917 -4.14 -15.82 4.01
C ALA A 917 -4.82 -15.72 5.37
N GLN A 918 -4.14 -16.16 6.43
CA GLN A 918 -4.73 -16.07 7.76
C GLN A 918 -4.95 -14.62 8.16
N SER A 919 -4.07 -13.73 7.74
CA SER A 919 -4.27 -12.30 8.00
C SER A 919 -5.44 -11.76 7.19
N LEU A 920 -5.65 -12.30 5.99
CA LEU A 920 -6.73 -11.87 5.11
C LEU A 920 -8.10 -12.37 5.54
N GLN A 921 -8.16 -13.41 6.37
CA GLN A 921 -9.43 -14.07 6.66
C GLN A 921 -10.50 -13.14 7.24
N ILE A 922 -10.16 -12.32 8.23
CA ILE A 922 -11.20 -11.51 8.91
C ILE A 922 -11.84 -10.49 7.98
N PRO A 923 -11.10 -9.67 7.23
CA PRO A 923 -11.76 -8.73 6.31
C PRO A 923 -12.62 -9.43 5.27
N TYR A 924 -12.30 -10.68 4.93
CA TYR A 924 -13.14 -11.45 4.02
C TYR A 924 -14.55 -11.62 4.58
N ARG A 925 -14.64 -12.07 5.83
CA ARG A 925 -15.95 -12.26 6.44
C ARG A 925 -16.65 -10.92 6.68
N ASN A 926 -15.88 -9.89 7.01
CA ASN A 926 -16.49 -8.56 7.11
C ASN A 926 -17.08 -8.13 5.77
N ALA A 927 -16.39 -8.43 4.67
CA ALA A 927 -16.91 -8.10 3.34
C ALA A 927 -18.18 -8.87 3.05
N MET A 928 -18.25 -10.13 3.47
CA MET A 928 -19.47 -10.91 3.27
C MET A 928 -20.66 -10.31 4.03
N LYS A 929 -20.46 -10.03 5.32
CA LYS A 929 -21.52 -9.42 6.10
C LYS A 929 -21.94 -8.07 5.53
N LYS A 930 -20.96 -7.26 5.12
CA LYS A 930 -21.26 -5.96 4.52
C LYS A 930 -22.02 -6.12 3.21
N ALA A 931 -21.73 -7.18 2.46
CA ALA A 931 -22.48 -7.44 1.24
C ALA A 931 -23.95 -7.70 1.53
N HIS A 932 -24.23 -8.59 2.48
CA HIS A 932 -25.62 -8.86 2.81
C HIS A 932 -26.32 -7.63 3.39
N VAL A 933 -25.60 -6.84 4.21
CA VAL A 933 -26.20 -5.65 4.78
C VAL A 933 -26.54 -4.63 3.68
N PHE A 934 -25.64 -4.43 2.72
CA PHE A 934 -25.96 -3.58 1.59
C PHE A 934 -27.15 -4.08 0.79
N GLY A 935 -27.23 -5.39 0.55
CA GLY A 935 -28.38 -5.92 -0.15
C GLY A 935 -29.68 -5.61 0.55
N ILE A 936 -29.70 -5.83 1.87
CA ILE A 936 -30.90 -5.56 2.65
C ILE A 936 -31.26 -4.08 2.59
N THR A 937 -30.27 -3.21 2.76
CA THR A 937 -30.56 -1.77 2.77
C THR A 937 -31.07 -1.30 1.42
N PHE A 938 -30.45 -1.76 0.34
CA PHE A 938 -30.90 -1.36 -1.00
C PHE A 938 -32.32 -1.84 -1.27
N SER A 939 -32.62 -3.10 -0.94
CA SER A 939 -33.97 -3.59 -1.14
C SER A 939 -34.97 -2.79 -0.33
N PHE A 940 -34.65 -2.49 0.92
CA PHE A 940 -35.57 -1.72 1.76
C PHE A 940 -35.83 -0.34 1.16
N THR A 941 -34.78 0.35 0.74
CA THR A 941 -34.97 1.70 0.21
C THR A 941 -35.81 1.69 -1.06
N GLN A 942 -35.50 0.80 -2.00
CA GLN A 942 -36.25 0.81 -3.25
C GLN A 942 -37.70 0.38 -3.05
N ALA A 943 -37.92 -0.67 -2.24
CA ALA A 943 -39.28 -1.09 -1.97
C ALA A 943 -40.07 -0.01 -1.24
N MET A 944 -39.44 0.72 -0.33
CA MET A 944 -40.16 1.79 0.34
C MET A 944 -40.41 2.96 -0.61
N MET A 945 -39.57 3.14 -1.63
CA MET A 945 -39.90 4.11 -2.66
C MET A 945 -41.19 3.73 -3.37
N TYR A 946 -41.32 2.46 -3.76
CA TYR A 946 -42.56 2.02 -4.41
C TYR A 946 -43.74 2.11 -3.47
N PHE A 947 -43.53 1.79 -2.19
CA PHE A 947 -44.60 1.90 -1.20
C PHE A 947 -45.02 3.36 -1.03
N SER A 948 -44.06 4.28 -1.07
CA SER A 948 -44.39 5.70 -1.01
C SER A 948 -45.23 6.11 -2.22
N TYR A 949 -44.90 5.59 -3.39
CA TYR A 949 -45.74 5.87 -4.56
C TYR A 949 -47.16 5.36 -4.35
N ALA A 950 -47.30 4.14 -3.84
CA ALA A 950 -48.62 3.57 -3.63
C ALA A 950 -49.41 4.37 -2.60
N ALA A 951 -48.76 4.78 -1.50
CA ALA A 951 -49.44 5.59 -0.50
C ALA A 951 -49.82 6.95 -1.07
N ALA A 952 -48.99 7.49 -1.95
CA ALA A 952 -49.31 8.76 -2.59
C ALA A 952 -50.57 8.65 -3.43
N PHE A 953 -50.68 7.59 -4.24
CA PHE A 953 -51.90 7.41 -5.02
C PHE A 953 -53.12 7.13 -4.14
N ARG A 954 -52.95 6.34 -3.07
CA ARG A 954 -54.08 6.12 -2.17
C ARG A 954 -54.58 7.43 -1.58
N PHE A 955 -53.67 8.24 -1.04
CA PHE A 955 -54.08 9.50 -0.43
C PHE A 955 -54.63 10.46 -1.49
N GLY A 956 -54.08 10.42 -2.70
CA GLY A 956 -54.60 11.26 -3.76
C GLY A 956 -56.02 10.91 -4.13
N ALA A 957 -56.32 9.61 -4.21
CA ALA A 957 -57.68 9.18 -4.47
C ALA A 957 -58.61 9.61 -3.34
N TYR A 958 -58.18 9.43 -2.09
CA TYR A 958 -59.01 9.84 -0.97
C TYR A 958 -59.22 11.34 -0.95
N LEU A 959 -58.23 12.11 -1.41
CA LEU A 959 -58.34 13.56 -1.43
C LEU A 959 -59.23 14.03 -2.58
N VAL A 960 -59.14 13.34 -3.72
CA VAL A 960 -60.03 13.61 -4.88
C VAL A 960 -61.48 13.27 -4.46
N THR A 961 -61.71 12.28 -3.56
CA THR A 961 -63.01 12.07 -2.95
C THR A 961 -63.47 13.30 -2.16
N GLN A 962 -62.52 14.06 -1.60
CA GLN A 962 -62.82 15.30 -0.91
C GLN A 962 -62.82 16.50 -1.84
N GLN A 963 -62.39 16.26 -3.08
CA GLN A 963 -62.37 17.26 -4.17
C GLN A 963 -61.41 18.42 -3.93
N LEU A 964 -60.52 18.35 -2.92
CA LEU A 964 -59.67 19.47 -2.51
C LEU A 964 -58.69 19.86 -3.62
N MET A 965 -58.23 18.90 -4.41
CA MET A 965 -57.16 19.13 -5.36
C MET A 965 -57.31 18.19 -6.56
N THR A 966 -56.84 18.66 -7.71
CA THR A 966 -57.22 18.08 -8.99
C THR A 966 -56.39 16.86 -9.35
N PHE A 967 -56.58 16.34 -10.55
CA PHE A 967 -55.86 15.10 -10.96
C PHE A 967 -54.52 15.43 -11.65
N GLU A 968 -54.29 16.71 -11.95
CA GLU A 968 -52.99 17.11 -12.56
C GLU A 968 -51.95 17.21 -11.45
N ASN A 969 -52.30 17.89 -10.35
CA ASN A 969 -51.36 18.06 -9.21
C ASN A 969 -51.05 16.71 -8.56
N VAL A 970 -52.02 15.78 -8.44
CA VAL A 970 -51.75 14.51 -7.71
C VAL A 970 -50.60 13.77 -8.39
N CYS A 971 -50.55 13.80 -9.73
CA CYS A 971 -49.49 13.04 -10.47
C CYS A 971 -48.28 13.94 -10.72
N LEU A 972 -48.38 15.24 -10.40
CA LEU A 972 -47.20 16.13 -10.50
C LEU A 972 -46.40 15.93 -9.21
N VAL A 973 -47.02 16.22 -8.06
CA VAL A 973 -46.42 15.89 -6.77
C VAL A 973 -45.95 14.44 -6.74
N PHE A 974 -46.54 13.57 -7.56
CA PHE A 974 -46.04 12.20 -7.65
C PHE A 974 -44.63 12.17 -8.21
N SER A 975 -44.39 12.91 -9.30
CA SER A 975 -43.04 13.04 -9.83
C SER A 975 -42.09 13.69 -8.83
N ALA A 976 -42.56 14.73 -8.14
CA ALA A 976 -41.71 15.40 -7.16
C ALA A 976 -41.33 14.45 -6.03
N ILE A 977 -42.28 13.70 -5.48
CA ILE A 977 -42.00 12.73 -4.43
C ILE A 977 -41.06 11.65 -4.95
N VAL A 978 -41.31 11.16 -6.17
CA VAL A 978 -40.43 10.19 -6.80
C VAL A 978 -38.99 10.66 -6.73
N PHE A 979 -38.71 11.82 -7.34
CA PHE A 979 -37.32 12.28 -7.43
C PHE A 979 -36.73 12.59 -6.05
N GLY A 980 -37.48 13.29 -5.19
CA GLY A 980 -36.93 13.66 -3.89
C GLY A 980 -36.64 12.46 -3.01
N ALA A 981 -37.59 11.52 -2.93
CA ALA A 981 -37.40 10.36 -2.08
C ALA A 981 -36.32 9.44 -2.64
N MET A 982 -36.22 9.34 -3.97
CA MET A 982 -35.13 8.59 -4.56
C MET A 982 -33.78 9.22 -4.27
N ALA A 983 -33.69 10.56 -4.28
CA ALA A 983 -32.46 11.22 -3.89
C ALA A 983 -32.10 10.93 -2.44
N VAL A 984 -33.09 10.99 -1.55
CA VAL A 984 -32.86 10.64 -0.16
C VAL A 984 -32.38 9.21 -0.02
N GLY A 985 -32.94 8.28 -0.80
CA GLY A 985 -32.48 6.91 -0.75
C GLY A 985 -31.05 6.74 -1.23
N GLN A 986 -30.69 7.45 -2.31
CA GLN A 986 -29.31 7.39 -2.80
C GLN A 986 -28.35 7.99 -1.79
N VAL A 987 -28.83 8.91 -0.95
CA VAL A 987 -28.01 9.46 0.12
C VAL A 987 -27.59 8.34 1.07
N SER A 988 -28.53 7.45 1.40
CA SER A 988 -28.29 6.37 2.35
C SER A 988 -27.20 5.40 1.92
N SER A 989 -26.98 5.24 0.62
CA SER A 989 -25.90 4.38 0.14
C SER A 989 -24.52 4.95 0.40
N PHE A 990 -24.43 6.07 1.13
CA PHE A 990 -23.17 6.75 1.41
C PHE A 990 -22.70 6.57 2.84
N ALA A 991 -23.60 6.26 3.77
CA ALA A 991 -23.27 6.19 5.19
C ALA A 991 -22.10 5.26 5.52
N PRO A 992 -21.97 4.08 4.90
CA PRO A 992 -20.74 3.28 5.13
C PRO A 992 -19.47 4.05 4.82
N ASP A 993 -19.47 4.82 3.73
CA ASP A 993 -18.28 5.58 3.35
C ASP A 993 -17.99 6.68 4.36
N TYR A 994 -19.04 7.36 4.84
CA TYR A 994 -18.86 8.39 5.86
C TYR A 994 -18.34 7.78 7.15
N ALA A 995 -18.82 6.59 7.51
CA ALA A 995 -18.34 5.90 8.71
C ALA A 995 -16.88 5.49 8.61
N LYS A 996 -16.42 5.01 7.45
CA LYS A 996 -15.00 4.74 7.30
C LYS A 996 -14.18 6.03 7.27
N ALA A 997 -14.69 7.06 6.61
CA ALA A 997 -13.95 8.32 6.51
C ALA A 997 -13.78 8.97 7.86
N THR A 998 -14.75 8.85 8.76
CA THR A 998 -14.63 9.52 10.05
C THR A 998 -13.56 8.85 10.93
N VAL A 999 -13.46 7.52 10.88
CA VAL A 999 -12.42 6.85 11.66
C VAL A 999 -11.04 7.10 11.06
N SER A 1000 -10.94 7.07 9.73
CA SER A 1000 -9.66 7.40 9.10
C SER A 1000 -9.26 8.83 9.40
N ALA A 1001 -10.24 9.73 9.42
CA ALA A 1001 -9.99 11.13 9.76
C ALA A 1001 -9.49 11.27 11.18
N SER A 1002 -10.10 10.54 12.12
CA SER A 1002 -9.65 10.61 13.50
C SER A 1002 -8.21 10.13 13.63
N HIS A 1003 -7.87 9.03 12.96
CA HIS A 1003 -6.50 8.51 13.04
C HIS A 1003 -5.50 9.47 12.41
N ILE A 1004 -5.88 10.11 11.30
CA ILE A 1004 -5.01 11.05 10.63
C ILE A 1004 -4.78 12.27 11.51
N ILE A 1005 -5.84 12.79 12.13
CA ILE A 1005 -5.68 13.89 13.07
C ILE A 1005 -4.76 13.48 14.21
N ARG A 1006 -4.94 12.28 14.75
CA ARG A 1006 -4.09 11.84 15.86
C ARG A 1006 -2.63 11.79 15.45
N ILE A 1007 -2.32 11.24 14.27
CA ILE A 1007 -0.92 11.11 13.86
C ILE A 1007 -0.32 12.48 13.57
N ILE A 1008 -1.11 13.41 13.03
CA ILE A 1008 -0.56 14.72 12.68
C ILE A 1008 -0.20 15.55 13.90
N GLU A 1009 -1.02 15.52 14.96
CA GLU A 1009 -0.78 16.37 16.12
C GLU A 1009 0.10 15.71 17.17
N LYS A 1010 0.64 14.52 16.90
CA LYS A 1010 1.48 13.84 17.87
C LYS A 1010 2.86 14.48 17.89
N THR A 1011 3.25 15.05 19.03
CA THR A 1011 4.56 15.65 19.12
C THR A 1011 5.50 14.75 19.90
N PRO A 1012 6.73 14.54 19.42
CA PRO A 1012 7.66 13.66 20.13
C PRO A 1012 8.29 14.34 21.34
N GLU A 1013 8.94 13.53 22.17
CA GLU A 1013 9.73 14.07 23.27
C GLU A 1013 11.03 14.68 22.77
N ILE A 1014 11.67 14.03 21.80
CA ILE A 1014 12.89 14.55 21.17
C ILE A 1014 12.47 15.05 19.78
N ASP A 1015 12.15 16.33 19.69
CA ASP A 1015 11.56 16.89 18.49
C ASP A 1015 12.65 17.20 17.47
N SER A 1016 12.67 16.44 16.37
CA SER A 1016 13.64 16.66 15.31
C SER A 1016 13.39 17.99 14.60
N TYR A 1017 12.13 18.34 14.37
CA TYR A 1017 11.80 19.52 13.58
C TYR A 1017 11.91 20.80 14.40
N SER A 1018 12.08 20.67 15.71
CA SER A 1018 12.10 21.82 16.60
C SER A 1018 13.34 22.65 16.35
N THR A 1019 13.14 23.95 16.14
CA THR A 1019 14.22 24.91 15.99
C THR A 1019 14.71 25.42 17.33
N GLN A 1020 13.87 25.40 18.35
CA GLN A 1020 14.29 25.83 19.68
C GLN A 1020 15.38 24.92 20.23
N GLY A 1021 16.33 25.52 20.93
CA GLY A 1021 17.47 24.79 21.44
C GLY A 1021 18.77 25.52 21.19
N LEU A 1022 19.83 25.11 21.87
CA LEU A 1022 21.09 25.83 21.77
C LEU A 1022 21.85 25.45 20.51
N LYS A 1023 22.45 26.45 19.86
CA LYS A 1023 23.30 26.25 18.69
C LYS A 1023 24.64 26.94 18.95
N PRO A 1024 25.60 26.22 19.54
CA PRO A 1024 26.90 26.83 19.81
C PRO A 1024 27.59 27.27 18.53
N ASN A 1025 28.25 28.44 18.59
CA ASN A 1025 28.96 28.96 17.44
C ASN A 1025 30.17 28.10 17.08
N MET A 1026 30.84 27.54 18.08
CA MET A 1026 31.96 26.63 17.88
C MET A 1026 31.94 25.60 19.00
N LEU A 1027 32.50 24.42 18.73
CA LEU A 1027 32.59 23.36 19.72
C LEU A 1027 34.05 22.97 19.89
N GLU A 1028 34.45 22.70 21.14
CA GLU A 1028 35.81 22.22 21.37
C GLU A 1028 35.96 20.78 20.92
N GLY A 1029 34.92 19.96 21.11
CA GLY A 1029 34.95 18.58 20.67
C GLY A 1029 35.12 17.58 21.81
N ASN A 1030 34.48 17.84 22.95
CA ASN A 1030 34.57 16.99 24.12
C ASN A 1030 33.26 16.24 24.31
N VAL A 1031 33.35 14.93 24.52
CA VAL A 1031 32.19 14.08 24.78
C VAL A 1031 32.37 13.45 26.15
N GLN A 1032 31.34 13.56 27.00
CA GLN A 1032 31.38 13.03 28.37
C GLN A 1032 30.09 12.22 28.62
N PHE A 1033 30.26 10.93 28.87
CA PHE A 1033 29.14 10.07 29.29
C PHE A 1033 29.21 9.90 30.80
N SER A 1034 28.80 10.94 31.52
CA SER A 1034 29.02 11.03 32.97
C SER A 1034 27.98 10.20 33.71
N GLY A 1035 28.23 8.90 33.81
CA GLY A 1035 27.40 8.01 34.59
C GLY A 1035 26.02 7.82 34.01
N VAL A 1036 25.95 7.19 32.84
CA VAL A 1036 24.71 7.08 32.07
C VAL A 1036 24.02 5.77 32.42
N VAL A 1037 22.76 5.84 32.81
CA VAL A 1037 21.93 4.67 33.08
C VAL A 1037 20.76 4.71 32.10
N PHE A 1038 20.60 3.65 31.32
CA PHE A 1038 19.62 3.62 30.25
C PHE A 1038 19.06 2.22 30.09
N ASN A 1039 17.79 2.12 29.71
CA ASN A 1039 17.21 0.87 29.23
C ASN A 1039 16.28 1.14 28.05
N TYR A 1040 16.20 0.19 27.13
CA TYR A 1040 15.47 0.39 25.89
C TYR A 1040 13.96 0.35 26.16
N PRO A 1041 13.17 1.16 25.47
CA PRO A 1041 11.72 1.24 25.75
C PRO A 1041 10.93 0.15 25.05
N THR A 1042 11.50 -1.05 24.98
CA THR A 1042 10.83 -2.20 24.43
C THR A 1042 11.00 -3.37 25.38
N ARG A 1043 12.10 -3.34 26.13
CA ARG A 1043 12.35 -4.28 27.22
C ARG A 1043 12.85 -3.46 28.41
N PRO A 1044 11.97 -2.63 28.99
CA PRO A 1044 12.43 -1.68 30.02
C PRO A 1044 12.88 -2.33 31.31
N SER A 1045 12.53 -3.60 31.55
CA SER A 1045 12.98 -4.27 32.76
C SER A 1045 14.48 -4.53 32.71
N ILE A 1046 15.02 -4.72 31.52
CA ILE A 1046 16.44 -5.05 31.35
C ILE A 1046 17.27 -3.78 31.34
N PRO A 1047 18.22 -3.62 32.26
CA PRO A 1047 19.14 -2.48 32.19
C PRO A 1047 20.28 -2.76 31.22
N VAL A 1048 20.36 -1.99 30.13
CA VAL A 1048 21.40 -2.24 29.14
C VAL A 1048 22.69 -1.52 29.52
N LEU A 1049 22.58 -0.35 30.13
CA LEU A 1049 23.74 0.43 30.55
C LEU A 1049 23.57 0.70 32.04
N GLN A 1050 24.05 -0.23 32.87
CA GLN A 1050 23.86 -0.12 34.32
C GLN A 1050 24.56 1.10 34.87
N GLY A 1051 25.78 1.35 34.42
CA GLY A 1051 26.47 2.59 34.73
C GLY A 1051 27.83 2.64 34.05
N LEU A 1052 28.14 3.74 33.38
CA LEU A 1052 29.44 3.88 32.74
C LEU A 1052 29.78 5.35 32.61
N SER A 1053 31.03 5.70 32.91
CA SER A 1053 31.52 7.06 32.80
C SER A 1053 32.64 7.12 31.77
N LEU A 1054 32.45 7.97 30.76
CA LEU A 1054 33.44 8.13 29.70
C LEU A 1054 33.69 9.61 29.50
N GLU A 1055 34.94 9.93 29.16
CA GLU A 1055 35.34 11.28 28.79
C GLU A 1055 36.18 11.22 27.54
N VAL A 1056 35.94 12.15 26.62
CA VAL A 1056 36.58 12.16 25.31
C VAL A 1056 37.13 13.54 25.05
N LYS A 1057 38.36 13.61 24.55
CA LYS A 1057 39.00 14.89 24.28
C LYS A 1057 39.20 15.04 22.77
N LYS A 1058 39.32 16.30 22.36
CA LYS A 1058 39.44 16.64 20.95
C LYS A 1058 40.70 16.05 20.35
N GLY A 1059 40.57 15.43 19.18
CA GLY A 1059 41.71 14.82 18.52
C GLY A 1059 42.17 13.52 19.10
N GLN A 1060 41.40 12.90 19.99
CA GLN A 1060 41.73 11.62 20.60
C GLN A 1060 40.94 10.50 19.93
N THR A 1061 41.04 9.31 20.50
CA THR A 1061 40.36 8.14 19.95
C THR A 1061 40.02 7.18 21.09
N LEU A 1062 38.72 6.92 21.25
CA LEU A 1062 38.23 5.83 22.08
C LEU A 1062 38.10 4.57 21.24
N ALA A 1063 38.57 3.46 21.80
CA ALA A 1063 38.21 2.14 21.30
C ALA A 1063 37.26 1.52 22.30
N LEU A 1064 36.15 0.98 21.82
CA LEU A 1064 35.16 0.34 22.69
C LEU A 1064 35.19 -1.15 22.41
N VAL A 1065 35.58 -1.93 23.41
CA VAL A 1065 35.69 -3.37 23.26
C VAL A 1065 34.85 -4.05 24.35
N GLY A 1066 34.63 -5.34 24.15
CA GLY A 1066 33.83 -6.11 25.08
C GLY A 1066 33.16 -7.25 24.35
N SER A 1067 32.24 -7.90 25.06
CA SER A 1067 31.48 -8.99 24.47
C SER A 1067 30.29 -8.45 23.70
N SER A 1068 29.67 -9.34 22.93
CA SER A 1068 28.43 -8.98 22.24
C SER A 1068 27.34 -8.66 23.27
N GLY A 1069 26.59 -7.61 23.00
CA GLY A 1069 25.51 -7.22 23.88
C GLY A 1069 25.94 -6.39 25.08
N GLY A 1070 27.19 -5.96 25.13
CA GLY A 1070 27.66 -5.18 26.27
C GLY A 1070 27.19 -3.75 26.29
N GLY A 1071 26.59 -3.27 25.20
CA GLY A 1071 26.09 -1.92 25.16
C GLY A 1071 26.95 -0.94 24.40
N LYS A 1072 27.90 -1.42 23.60
CA LYS A 1072 28.77 -0.52 22.86
C LYS A 1072 27.98 0.30 21.85
N SER A 1073 27.06 -0.35 21.13
CA SER A 1073 26.23 0.39 20.17
C SER A 1073 25.26 1.32 20.88
N THR A 1074 24.87 0.98 22.12
CA THR A 1074 23.88 1.77 22.83
C THR A 1074 24.41 3.16 23.16
N VAL A 1075 25.69 3.27 23.50
CA VAL A 1075 26.27 4.56 23.86
C VAL A 1075 26.28 5.45 22.63
N VAL A 1076 26.56 4.84 21.46
CA VAL A 1076 26.56 5.60 20.22
C VAL A 1076 25.15 6.05 19.86
N GLN A 1077 24.17 5.19 20.09
CA GLN A 1077 22.79 5.56 19.82
C GLN A 1077 22.32 6.66 20.77
N LEU A 1078 22.85 6.67 22.00
CA LEU A 1078 22.52 7.76 22.93
C LEU A 1078 23.17 9.06 22.52
N LEU A 1079 24.43 9.00 22.06
CA LEU A 1079 25.09 10.21 21.57
C LEU A 1079 24.41 10.79 20.35
N GLU A 1080 23.64 9.97 19.63
CA GLU A 1080 22.84 10.42 18.49
C GLU A 1080 21.49 10.96 18.92
N ARG A 1081 21.19 10.93 20.22
CA ARG A 1081 19.89 11.34 20.76
C ARG A 1081 18.74 10.51 20.17
N PHE A 1082 19.02 9.26 19.83
CA PHE A 1082 17.93 8.36 19.43
C PHE A 1082 17.03 8.06 20.62
N TYR A 1083 17.60 7.93 21.81
CA TYR A 1083 16.86 7.70 23.05
C TYR A 1083 17.42 8.61 24.12
N ASP A 1084 16.62 8.84 25.16
CA ASP A 1084 17.02 9.69 26.27
C ASP A 1084 17.28 8.86 27.52
N PRO A 1085 18.49 8.92 28.07
CA PRO A 1085 18.77 8.16 29.30
C PRO A 1085 17.94 8.65 30.47
N MET A 1086 17.60 7.70 31.36
CA MET A 1086 16.82 8.04 32.55
C MET A 1086 17.69 8.72 33.61
N ALA A 1087 18.72 8.02 34.08
CA ALA A 1087 19.66 8.58 35.03
C ALA A 1087 20.97 8.93 34.33
N GLY A 1088 21.65 9.94 34.85
CA GLY A 1088 22.87 10.41 34.25
C GLY A 1088 22.59 11.38 33.11
N SER A 1089 23.67 11.87 32.51
CA SER A 1089 23.55 12.85 31.43
C SER A 1089 24.78 12.75 30.54
N VAL A 1090 24.65 13.29 29.34
CA VAL A 1090 25.71 13.28 28.34
C VAL A 1090 26.05 14.73 28.02
N PHE A 1091 27.34 15.04 27.97
CA PHE A 1091 27.82 16.40 27.77
C PHE A 1091 28.62 16.51 26.49
N LEU A 1092 28.35 17.56 25.71
CA LEU A 1092 29.22 17.98 24.62
C LEU A 1092 29.84 19.31 25.02
N ASP A 1093 31.15 19.29 25.29
CA ASP A 1093 31.88 20.44 25.80
C ASP A 1093 31.27 20.94 27.11
N GLY A 1094 30.88 19.99 27.94
CA GLY A 1094 30.39 20.29 29.27
C GLY A 1094 28.99 20.87 29.32
N LYS A 1095 28.25 20.79 28.21
CA LYS A 1095 26.90 21.32 28.12
C LYS A 1095 25.95 20.15 27.91
N GLU A 1096 24.84 20.12 28.65
CA GLU A 1096 23.91 19.01 28.58
C GLU A 1096 23.37 18.85 27.16
N ILE A 1097 23.31 17.60 26.69
CA ILE A 1097 22.95 17.32 25.32
C ILE A 1097 21.49 17.69 25.04
N LYS A 1098 20.62 17.54 26.04
CA LYS A 1098 19.23 17.95 25.88
C LYS A 1098 19.11 19.44 25.57
N GLN A 1099 20.00 20.26 26.15
CA GLN A 1099 19.90 21.71 25.97
C GLN A 1099 20.23 22.13 24.54
N LEU A 1100 21.13 21.42 23.87
CA LEU A 1100 21.49 21.73 22.50
C LEU A 1100 20.35 21.36 21.56
N ASN A 1101 20.32 21.98 20.39
CA ASN A 1101 19.36 21.63 19.34
C ASN A 1101 19.72 20.26 18.79
N VAL A 1102 18.69 19.44 18.56
CA VAL A 1102 18.93 18.06 18.12
C VAL A 1102 19.54 18.04 16.72
N GLN A 1103 19.03 18.89 15.82
CA GLN A 1103 19.55 18.90 14.45
C GLN A 1103 21.01 19.35 14.40
N TRP A 1104 21.35 20.38 15.16
CA TRP A 1104 22.73 20.84 15.22
C TRP A 1104 23.65 19.75 15.75
N LEU A 1105 23.25 19.12 16.86
CA LEU A 1105 24.07 18.08 17.46
C LEU A 1105 24.28 16.92 16.50
N ARG A 1106 23.22 16.48 15.81
CA ARG A 1106 23.38 15.41 14.85
C ARG A 1106 24.23 15.83 13.65
N ALA A 1107 24.14 17.08 13.22
CA ALA A 1107 24.94 17.55 12.09
C ALA A 1107 26.40 17.74 12.45
N GLN A 1108 26.72 17.87 13.75
CA GLN A 1108 28.12 18.06 14.12
C GLN A 1108 28.88 16.75 14.20
N LEU A 1109 28.20 15.62 14.05
CA LEU A 1109 28.84 14.32 14.19
C LEU A 1109 28.48 13.39 13.05
N GLY A 1110 29.40 12.50 12.71
CA GLY A 1110 29.21 11.55 11.63
C GLY A 1110 29.28 10.12 12.13
N ILE A 1111 28.43 9.26 11.58
CA ILE A 1111 28.20 7.94 12.12
C ILE A 1111 28.29 6.88 11.03
N VAL A 1112 28.88 5.74 11.40
CA VAL A 1112 28.87 4.52 10.61
C VAL A 1112 28.33 3.43 11.53
N SER A 1113 27.27 2.75 11.09
CA SER A 1113 26.62 1.75 11.92
C SER A 1113 27.19 0.36 11.66
N GLN A 1114 26.72 -0.62 12.44
CA GLN A 1114 27.30 -1.96 12.38
C GLN A 1114 27.11 -2.59 11.00
N GLU A 1115 25.90 -2.53 10.47
CA GLU A 1115 25.58 -3.14 9.19
C GLU A 1115 24.92 -2.08 8.31
N PRO A 1116 25.70 -1.31 7.56
CA PRO A 1116 25.18 -0.09 6.95
C PRO A 1116 24.08 -0.36 5.95
N ILE A 1117 23.20 0.63 5.80
CA ILE A 1117 22.11 0.60 4.84
C ILE A 1117 22.32 1.69 3.81
N LEU A 1118 22.36 1.30 2.54
CA LEU A 1118 22.50 2.22 1.42
C LEU A 1118 21.16 2.27 0.69
N PHE A 1119 20.74 3.47 0.32
CA PHE A 1119 19.47 3.61 -0.39
C PHE A 1119 19.58 3.08 -1.82
N ASP A 1120 18.44 2.88 -2.45
CA ASP A 1120 18.35 2.29 -3.79
C ASP A 1120 18.53 3.41 -4.80
N ARG A 1121 19.69 4.06 -4.75
CA ARG A 1121 20.02 5.18 -5.63
C ARG A 1121 21.44 4.97 -6.15
N SER A 1122 22.01 5.99 -6.76
CA SER A 1122 23.35 5.90 -7.29
C SER A 1122 24.38 5.95 -6.16
N ILE A 1123 25.60 5.52 -6.49
CA ILE A 1123 26.69 5.53 -5.51
C ILE A 1123 26.98 6.96 -5.05
N ALA A 1124 27.07 7.88 -6.00
CA ALA A 1124 27.35 9.27 -5.66
C ALA A 1124 26.22 9.89 -4.85
N GLU A 1125 24.98 9.55 -5.18
CA GLU A 1125 23.84 10.03 -4.40
C GLU A 1125 23.92 9.53 -2.95
N ASN A 1126 24.34 8.28 -2.77
CA ASN A 1126 24.51 7.74 -1.43
C ASN A 1126 25.65 8.44 -0.68
N ILE A 1127 26.77 8.70 -1.36
CA ILE A 1127 27.85 9.43 -0.71
C ILE A 1127 27.47 10.88 -0.45
N ALA A 1128 26.76 11.51 -1.38
CA ALA A 1128 26.30 12.88 -1.21
C ALA A 1128 25.27 13.03 -0.09
N TYR A 1129 24.72 11.92 0.40
CA TYR A 1129 23.80 11.94 1.53
C TYR A 1129 24.47 12.35 2.82
N GLY A 1130 25.80 12.41 2.86
CA GLY A 1130 26.50 12.74 4.09
C GLY A 1130 26.15 14.10 4.63
N ASP A 1131 26.02 15.09 3.74
CA ASP A 1131 25.64 16.45 4.11
C ASP A 1131 24.45 16.86 3.26
N ASN A 1132 23.27 16.94 3.89
CA ASN A 1132 22.05 17.34 3.22
C ASN A 1132 21.75 18.82 3.37
N SER A 1133 22.58 19.56 4.10
CA SER A 1133 22.40 20.99 4.31
C SER A 1133 23.11 21.81 3.25
N ARG A 1134 23.70 21.18 2.25
CA ARG A 1134 24.43 21.85 1.18
C ARG A 1134 24.54 20.87 0.02
N VAL A 1135 25.13 21.34 -1.07
CA VAL A 1135 25.29 20.55 -2.29
C VAL A 1135 26.72 20.04 -2.30
N VAL A 1136 26.88 18.72 -2.09
CA VAL A 1136 28.20 18.12 -2.09
C VAL A 1136 28.74 18.02 -3.50
N SER A 1137 29.97 18.47 -3.69
CA SER A 1137 30.59 18.44 -5.01
C SER A 1137 30.99 17.02 -5.39
N TYR A 1138 31.04 16.77 -6.70
CA TYR A 1138 31.52 15.48 -7.20
C TYR A 1138 32.97 15.27 -6.82
N GLU A 1139 33.76 16.34 -6.81
CA GLU A 1139 35.15 16.25 -6.38
C GLU A 1139 35.25 15.80 -4.93
N GLU A 1140 34.43 16.38 -4.05
CA GLU A 1140 34.43 15.97 -2.65
C GLU A 1140 34.00 14.51 -2.49
N ILE A 1141 33.02 14.07 -3.28
CA ILE A 1141 32.64 12.67 -3.28
C ILE A 1141 33.79 11.78 -3.68
N VAL A 1142 34.59 12.17 -4.68
CA VAL A 1142 35.75 11.38 -5.07
C VAL A 1142 36.82 11.38 -3.99
N ARG A 1143 37.05 12.51 -3.31
CA ARG A 1143 38.01 12.51 -2.20
C ARG A 1143 37.55 11.56 -1.09
N ALA A 1144 36.27 11.60 -0.75
CA ALA A 1144 35.75 10.73 0.29
C ALA A 1144 35.86 9.26 -0.12
N ALA A 1145 35.58 8.95 -1.38
CA ALA A 1145 35.71 7.58 -1.86
C ALA A 1145 37.16 7.11 -1.81
N LYS A 1146 38.10 7.96 -2.22
CA LYS A 1146 39.51 7.60 -2.16
C LYS A 1146 39.96 7.38 -0.72
N GLU A 1147 39.51 8.23 0.19
CA GLU A 1147 39.88 8.08 1.59
C GLU A 1147 39.34 6.78 2.18
N ALA A 1148 38.28 6.24 1.59
CA ALA A 1148 37.64 5.02 2.07
C ALA A 1148 38.02 3.79 1.27
N ASN A 1149 39.03 3.88 0.41
CA ASN A 1149 39.53 2.73 -0.36
C ASN A 1149 38.43 2.08 -1.19
N ILE A 1150 37.57 2.89 -1.81
CA ILE A 1150 36.51 2.38 -2.66
C ILE A 1150 36.51 3.01 -4.05
N HIS A 1151 37.29 4.08 -4.26
CA HIS A 1151 37.25 4.79 -5.54
C HIS A 1151 37.66 3.90 -6.70
N GLN A 1152 38.57 2.95 -6.47
CA GLN A 1152 39.00 2.06 -7.55
C GLN A 1152 37.84 1.24 -8.08
N PHE A 1153 37.06 0.63 -7.19
CA PHE A 1153 35.93 -0.21 -7.61
C PHE A 1153 34.88 0.62 -8.33
N ILE A 1154 34.57 1.80 -7.81
CA ILE A 1154 33.56 2.64 -8.44
C ILE A 1154 34.02 3.10 -9.82
N ASP A 1155 35.31 3.44 -9.95
CA ASP A 1155 35.85 3.80 -11.25
C ASP A 1155 35.79 2.63 -12.22
N SER A 1156 36.01 1.42 -11.73
CA SER A 1156 35.97 0.25 -12.60
C SER A 1156 34.57 -0.01 -13.13
N LEU A 1157 33.55 0.51 -12.47
CA LEU A 1157 32.17 0.22 -12.84
C LEU A 1157 31.73 1.07 -14.03
N PRO A 1158 30.98 0.51 -14.97
CA PRO A 1158 30.29 1.35 -15.96
C PRO A 1158 29.31 2.28 -15.27
N ASP A 1159 29.13 3.47 -15.85
CA ASP A 1159 28.32 4.55 -15.27
C ASP A 1159 28.99 5.15 -14.05
N LYS A 1160 30.14 4.60 -13.66
CA LYS A 1160 31.02 5.17 -12.61
C LYS A 1160 30.19 5.35 -11.34
N TYR A 1161 30.20 6.53 -10.74
CA TYR A 1161 29.51 6.86 -9.49
C TYR A 1161 28.02 6.95 -9.67
N ASN A 1162 27.52 6.85 -10.90
CA ASN A 1162 26.10 6.83 -11.18
C ASN A 1162 25.56 5.41 -11.23
N THR A 1163 26.36 4.41 -10.89
CA THR A 1163 25.89 3.04 -10.83
C THR A 1163 24.81 2.92 -9.77
N ARG A 1164 23.67 2.33 -10.14
CA ARG A 1164 22.54 2.24 -9.22
C ARG A 1164 22.73 1.03 -8.32
N VAL A 1165 22.75 1.27 -7.01
CA VAL A 1165 22.81 0.21 -6.01
C VAL A 1165 21.40 -0.11 -5.57
N GLY A 1166 21.14 -1.38 -5.33
CA GLY A 1166 19.80 -1.85 -5.06
C GLY A 1166 19.32 -1.54 -3.65
N ASP A 1167 18.23 -2.20 -3.28
CA ASP A 1167 17.61 -1.97 -1.99
C ASP A 1167 18.57 -2.33 -0.87
N LYS A 1168 18.72 -1.42 0.09
CA LYS A 1168 19.56 -1.63 1.27
C LYS A 1168 21.01 -1.91 0.91
N GLY A 1169 21.42 -1.52 -0.29
CA GLY A 1169 22.78 -1.76 -0.73
C GLY A 1169 23.09 -3.19 -1.08
N THR A 1170 22.08 -3.99 -1.43
CA THR A 1170 22.27 -5.41 -1.67
C THR A 1170 22.79 -5.72 -3.06
N GLN A 1171 22.96 -4.71 -3.91
CA GLN A 1171 23.58 -4.93 -5.21
C GLN A 1171 25.09 -4.77 -5.15
N LEU A 1172 25.62 -4.45 -3.98
CA LEU A 1172 27.05 -4.45 -3.71
C LEU A 1172 27.37 -5.56 -2.72
N SER A 1173 28.67 -5.81 -2.54
CA SER A 1173 29.07 -6.77 -1.52
C SER A 1173 29.15 -6.08 -0.16
N GLY A 1174 29.41 -6.88 0.88
CA GLY A 1174 29.46 -6.33 2.22
C GLY A 1174 30.56 -5.31 2.41
N GLY A 1175 31.74 -5.58 1.87
CA GLY A 1175 32.87 -4.68 1.97
C GLY A 1175 32.68 -3.37 1.22
N GLN A 1176 32.18 -3.47 -0.02
CA GLN A 1176 31.96 -2.27 -0.82
C GLN A 1176 30.88 -1.39 -0.19
N LYS A 1177 29.79 -1.99 0.28
CA LYS A 1177 28.75 -1.23 0.94
C LYS A 1177 29.27 -0.54 2.19
N GLN A 1178 30.07 -1.27 2.99
CA GLN A 1178 30.65 -0.69 4.19
C GLN A 1178 31.59 0.47 3.86
N ARG A 1179 32.39 0.32 2.81
CA ARG A 1179 33.32 1.38 2.44
C ARG A 1179 32.60 2.60 1.91
N ILE A 1180 31.51 2.39 1.16
CA ILE A 1180 30.72 3.52 0.68
C ILE A 1180 30.02 4.22 1.85
N ALA A 1181 29.61 3.47 2.88
CA ALA A 1181 29.08 4.10 4.08
C ALA A 1181 30.15 4.91 4.81
N ILE A 1182 31.39 4.38 4.84
CA ILE A 1182 32.50 5.14 5.43
C ILE A 1182 32.70 6.44 4.66
N ALA A 1183 32.68 6.36 3.32
CA ALA A 1183 32.83 7.55 2.50
C ALA A 1183 31.70 8.54 2.75
N ARG A 1184 30.47 8.03 2.92
CA ARG A 1184 29.34 8.91 3.23
C ARG A 1184 29.55 9.64 4.54
N ALA A 1185 30.01 8.93 5.59
CA ALA A 1185 30.24 9.59 6.87
C ALA A 1185 31.46 10.49 6.82
N LEU A 1186 32.35 10.26 5.85
CA LEU A 1186 33.58 11.05 5.76
C LEU A 1186 33.38 12.33 4.94
N VAL A 1187 32.48 12.33 3.97
CA VAL A 1187 32.33 13.45 3.04
C VAL A 1187 31.90 14.70 3.79
N ARG A 1188 31.21 14.54 4.91
CA ARG A 1188 30.77 15.69 5.69
C ARG A 1188 31.86 16.28 6.57
N GLN A 1189 32.96 15.57 6.76
CA GLN A 1189 34.07 16.01 7.61
C GLN A 1189 33.58 16.39 9.00
N PRO A 1190 33.08 15.42 9.78
CA PRO A 1190 32.50 15.75 11.08
C PRO A 1190 33.55 16.08 12.12
N HIS A 1191 33.12 16.80 13.14
CA HIS A 1191 33.97 17.01 14.31
C HIS A 1191 34.01 15.78 15.20
N ILE A 1192 32.89 15.05 15.30
CA ILE A 1192 32.82 13.81 16.05
C ILE A 1192 32.54 12.68 15.07
N LEU A 1193 33.42 11.68 15.05
CA LEU A 1193 33.30 10.52 14.19
C LEU A 1193 32.94 9.33 15.06
N LEU A 1194 31.95 8.55 14.63
CA LEU A 1194 31.42 7.44 15.41
C LEU A 1194 31.40 6.20 14.53
N LEU A 1195 32.48 5.41 14.58
CA LEU A 1195 32.56 4.17 13.82
C LEU A 1195 32.04 3.04 14.69
N ASP A 1196 31.15 2.22 14.14
CA ASP A 1196 30.53 1.12 14.86
C ASP A 1196 30.81 -0.16 14.07
N GLU A 1197 31.93 -0.81 14.38
CA GLU A 1197 32.42 -1.96 13.63
C GLU A 1197 32.48 -1.65 12.14
N ALA A 1198 33.19 -0.56 11.83
CA ALA A 1198 33.24 -0.03 10.47
C ALA A 1198 34.09 -0.90 9.55
N THR A 1199 34.79 -1.89 10.08
CA THR A 1199 35.65 -2.76 9.30
C THR A 1199 35.23 -4.22 9.47
N SER A 1200 33.98 -4.42 9.88
CA SER A 1200 33.48 -5.76 10.21
C SER A 1200 33.53 -6.69 9.01
N ALA A 1201 33.11 -6.21 7.85
CA ALA A 1201 33.16 -6.98 6.61
C ALA A 1201 34.16 -6.29 5.71
N LEU A 1202 35.44 -6.60 5.92
CA LEU A 1202 36.53 -6.02 5.15
C LEU A 1202 37.71 -6.96 5.15
N ASP A 1203 38.36 -7.05 4.00
CA ASP A 1203 39.60 -7.78 3.90
C ASP A 1203 40.67 -7.08 4.72
N THR A 1204 41.64 -7.86 5.21
CA THR A 1204 42.70 -7.28 6.04
C THR A 1204 43.53 -6.25 5.27
N GLU A 1205 43.74 -6.44 3.97
CA GLU A 1205 44.37 -5.43 3.14
C GLU A 1205 43.52 -4.17 3.02
N SER A 1206 42.20 -4.30 2.96
CA SER A 1206 41.32 -3.13 3.00
C SER A 1206 41.27 -2.51 4.38
N GLU A 1207 41.27 -3.33 5.43
CA GLU A 1207 41.31 -2.80 6.78
C GLU A 1207 42.55 -1.96 7.01
N LYS A 1208 43.71 -2.43 6.54
CA LYS A 1208 44.95 -1.68 6.74
C LYS A 1208 44.88 -0.32 6.06
N VAL A 1209 44.39 -0.28 4.82
CA VAL A 1209 44.34 0.98 4.08
C VAL A 1209 43.34 1.94 4.71
N VAL A 1210 42.16 1.43 5.09
CA VAL A 1210 41.17 2.29 5.72
C VAL A 1210 41.68 2.83 7.04
N GLN A 1211 42.32 1.99 7.85
CA GLN A 1211 42.83 2.44 9.14
C GLN A 1211 43.96 3.45 8.98
N GLU A 1212 44.87 3.24 8.02
CA GLU A 1212 45.95 4.21 7.84
C GLU A 1212 45.41 5.54 7.32
N ALA A 1213 44.40 5.50 6.44
CA ALA A 1213 43.75 6.72 6.02
C ALA A 1213 43.07 7.43 7.19
N LEU A 1214 42.41 6.67 8.07
CA LEU A 1214 41.83 7.26 9.28
C LEU A 1214 42.91 7.82 10.19
N ASP A 1215 44.03 7.12 10.34
CA ASP A 1215 45.12 7.58 11.19
C ASP A 1215 45.74 8.87 10.67
N LYS A 1216 45.76 9.07 9.36
CA LYS A 1216 46.30 10.31 8.81
C LYS A 1216 45.50 11.51 9.27
N ALA A 1217 44.18 11.37 9.40
CA ALA A 1217 43.30 12.45 9.80
C ALA A 1217 42.88 12.37 11.27
N ARG A 1218 43.55 11.53 12.06
CA ARG A 1218 43.18 11.40 13.47
C ARG A 1218 43.45 12.69 14.22
N GLU A 1219 44.47 13.44 13.82
CA GLU A 1219 44.74 14.73 14.45
C GLU A 1219 43.65 15.72 14.10
N GLY A 1220 43.23 16.49 15.11
CA GLY A 1220 42.19 17.48 14.90
C GLY A 1220 40.86 16.87 14.53
N ARG A 1221 40.52 15.75 15.17
CA ARG A 1221 39.23 15.10 14.94
C ARG A 1221 38.92 14.13 16.08
N THR A 1222 37.82 14.35 16.78
CA THR A 1222 37.40 13.41 17.83
C THR A 1222 36.81 12.16 17.19
N VAL A 1223 37.28 10.99 17.63
CA VAL A 1223 36.90 9.71 17.05
C VAL A 1223 36.52 8.75 18.18
N ILE A 1224 35.44 8.00 17.97
CA ILE A 1224 35.01 6.93 18.86
C ILE A 1224 34.80 5.68 18.01
N VAL A 1225 35.50 4.60 18.35
CA VAL A 1225 35.56 3.39 17.54
C VAL A 1225 34.99 2.22 18.35
N ILE A 1226 34.06 1.49 17.74
CA ILE A 1226 33.54 0.24 18.26
C ILE A 1226 34.08 -0.83 17.34
N ALA A 1227 34.80 -1.81 17.88
CA ALA A 1227 35.39 -2.85 17.06
C ALA A 1227 35.53 -4.15 17.84
N HIS A 1228 35.35 -5.25 17.12
CA HIS A 1228 35.64 -6.58 17.64
C HIS A 1228 36.94 -7.15 17.12
N ARG A 1229 37.47 -6.63 16.02
CA ARG A 1229 38.77 -6.99 15.50
C ARG A 1229 39.80 -6.02 16.08
N LEU A 1230 40.72 -6.55 16.89
CA LEU A 1230 41.52 -5.71 17.78
C LEU A 1230 42.70 -5.05 17.10
N SER A 1231 43.03 -5.43 15.86
CA SER A 1231 44.18 -4.84 15.19
C SER A 1231 43.97 -3.35 14.95
N THR A 1232 42.74 -2.95 14.62
CA THR A 1232 42.39 -1.55 14.40
C THR A 1232 42.20 -0.77 15.71
N ILE A 1233 42.67 -1.32 16.83
CA ILE A 1233 42.39 -0.77 18.15
C ILE A 1233 43.67 -0.42 18.90
N GLN A 1234 44.76 -1.12 18.61
CA GLN A 1234 46.01 -0.98 19.35
C GLN A 1234 46.57 0.43 19.25
N ASN A 1235 46.37 1.09 18.12
CA ASN A 1235 46.89 2.43 17.90
C ASN A 1235 46.01 3.51 18.51
N ALA A 1236 44.85 3.15 19.06
CA ALA A 1236 43.95 4.15 19.61
C ALA A 1236 44.55 4.83 20.83
N ASP A 1237 44.12 6.07 21.06
CA ASP A 1237 44.62 6.81 22.22
C ASP A 1237 44.24 6.14 23.53
N LEU A 1238 42.99 5.70 23.66
CA LEU A 1238 42.61 4.95 24.85
C LEU A 1238 41.54 3.94 24.50
N ILE A 1239 41.58 2.81 25.21
CA ILE A 1239 40.68 1.69 25.00
C ILE A 1239 39.88 1.48 26.27
N VAL A 1240 38.57 1.30 26.12
CA VAL A 1240 37.66 1.03 27.22
C VAL A 1240 37.01 -0.32 26.96
N VAL A 1241 37.12 -1.23 27.93
CA VAL A 1241 36.49 -2.54 27.87
C VAL A 1241 35.24 -2.47 28.72
N ILE A 1242 34.09 -2.75 28.13
CA ILE A 1242 32.83 -2.72 28.86
C ILE A 1242 32.24 -4.12 28.88
N GLN A 1243 31.75 -4.54 30.04
CA GLN A 1243 30.99 -5.77 30.19
C GLN A 1243 29.59 -5.39 30.61
N ASN A 1244 28.58 -5.96 29.95
CA ASN A 1244 27.18 -5.92 30.35
C ASN A 1244 26.69 -4.53 30.73
N GLY A 1245 27.38 -3.50 30.26
CA GLY A 1245 26.93 -2.14 30.49
C GLY A 1245 27.76 -1.34 31.47
N LYS A 1246 28.89 -1.92 31.91
CA LYS A 1246 29.73 -1.30 32.93
C LYS A 1246 31.08 -0.98 32.31
N VAL A 1247 31.74 0.07 32.83
CA VAL A 1247 32.90 0.69 32.20
C VAL A 1247 34.19 0.15 32.83
N LYS A 1248 34.10 -1.07 33.38
CA LYS A 1248 35.09 -1.58 34.33
C LYS A 1248 36.53 -1.25 33.96
N GLU A 1249 36.99 -1.60 32.75
CA GLU A 1249 38.39 -1.45 32.39
C GLU A 1249 38.60 -0.31 31.41
N HIS A 1250 39.69 0.42 31.60
CA HIS A 1250 40.06 1.51 30.71
C HIS A 1250 41.57 1.69 30.73
N GLY A 1251 42.09 2.32 29.68
CA GLY A 1251 43.49 2.69 29.64
C GLY A 1251 44.07 2.55 28.26
N THR A 1252 45.36 2.84 28.13
CA THR A 1252 46.01 2.68 26.83
C THR A 1252 46.23 1.20 26.54
N HIS A 1253 46.72 0.92 25.33
CA HIS A 1253 46.94 -0.46 24.93
C HIS A 1253 47.98 -1.13 25.83
N GLN A 1254 49.05 -0.40 26.16
CA GLN A 1254 50.07 -0.93 27.05
C GLN A 1254 49.53 -1.17 28.46
N GLN A 1255 48.75 -0.23 28.99
CA GLN A 1255 48.18 -0.40 30.32
C GLN A 1255 47.25 -1.61 30.37
N LEU A 1256 46.38 -1.76 29.37
CA LEU A 1256 45.45 -2.88 29.37
C LEU A 1256 46.16 -4.21 29.15
N LEU A 1257 47.23 -4.20 28.35
CA LEU A 1257 47.99 -5.43 28.14
C LEU A 1257 48.76 -5.82 29.40
N ALA A 1258 49.27 -4.83 30.14
CA ALA A 1258 50.00 -5.12 31.37
C ALA A 1258 49.09 -5.69 32.44
N GLN A 1259 47.96 -5.04 32.69
CA GLN A 1259 46.99 -5.52 33.68
C GLN A 1259 46.23 -6.69 33.05
N LYS A 1260 46.86 -7.87 33.12
CA LYS A 1260 46.32 -9.05 32.47
C LYS A 1260 44.92 -9.34 32.99
N GLY A 1261 44.00 -9.61 32.05
CA GLY A 1261 42.60 -9.76 32.37
C GLY A 1261 41.75 -9.97 31.14
N ILE A 1262 40.66 -9.21 31.02
CA ILE A 1262 39.72 -9.40 29.92
C ILE A 1262 40.38 -9.04 28.59
N TYR A 1263 41.03 -7.88 28.53
CA TYR A 1263 41.66 -7.45 27.27
C TYR A 1263 42.79 -8.40 26.86
N PHE A 1264 43.60 -8.82 27.83
CA PHE A 1264 44.69 -9.75 27.55
C PHE A 1264 44.14 -11.09 27.06
N SER A 1265 43.04 -11.55 27.66
CA SER A 1265 42.42 -12.79 27.20
C SER A 1265 41.88 -12.65 25.78
N MET A 1266 41.25 -11.51 25.49
CA MET A 1266 40.70 -11.29 24.16
C MET A 1266 41.80 -11.24 23.09
N VAL A 1267 42.91 -10.58 23.40
CA VAL A 1267 43.99 -10.45 22.43
C VAL A 1267 44.62 -11.81 22.16
N SER A 1268 44.76 -12.64 23.18
CA SER A 1268 45.46 -13.92 23.07
C SER A 1268 44.51 -15.10 22.97
N VAL A 1269 43.34 -14.94 22.33
CA VAL A 1269 42.43 -16.07 22.13
C VAL A 1269 43.10 -17.10 21.22
N GLN A 1270 43.62 -16.65 20.08
CA GLN A 1270 44.29 -17.57 19.17
C GLN A 1270 45.67 -17.95 19.67
N ALA A 1271 46.38 -16.98 20.27
CA ALA A 1271 47.73 -17.18 20.80
C ALA A 1271 48.70 -17.69 19.73
#